data_8A44
#
_entry.id   8A44
#
_cell.length_a   52.204
_cell.length_b   97.949
_cell.length_c   287.987
_cell.angle_alpha   90.000
_cell.angle_beta   90.000
_cell.angle_gamma   90.000
#
_symmetry.space_group_name_H-M   'P 21 21 21'
#
loop_
_entity.id
_entity.type
_entity.pdbx_description
1 polymer 'Duffy binding protein'
2 polymer 'Atypical chemokine receptor 1'
3 polymer 'Heavy chain of monoclonal antibody DB1'
4 polymer 'Light chain of monoclonal antibody DB1'
5 water water
#
loop_
_entity_poly.entity_id
_entity_poly.type
_entity_poly.pdbx_seq_one_letter_code
_entity_poly.pdbx_strand_id
1 'polypeptide(L)'
;KNCNYKRKRRERDWDCNTKKDVCIPDRRYQLCMKELTNLVNNTDTNFHRDITFRKLYLKRKLIYDAAVEGDLLLKLNNYR
YNKDFCKDIRWSLGDFGDIIMGTDMEGIGYSKVVENNLRSIFGTDEKAQQRRKQWWNESKAQIWTAMMYSVKKRLKGNFI
WICKLNVAVNIEPQIYRWIREWGRDYVSELPTEVQKLKEKCDGKINYTDKKVCKVPPCQNACKSYDQWITRKKNQWDVLS
NKFISVKNAEKVQTAGIVTPYDILKQELDEFNEVAFENEINKRDGAYIELCVCS
;
A
2 'polypeptide(L)' MGNALHRAELSPSTENSSQLDFEDVWNSSYGVNDSFPDGD(TYS)DANLEAAAPAHSANLLDDS B
3 'polypeptide(L)'
;EVQLVQSGAEVKKPGESLKISCKGSGYSFTDYWIGWVRQMPGKGLEWMGIIYAGDSDTRYSPSFQGQVTISADKSISTAS
LQWSSLKASDTAMYYCARLAYDSSGYYYAFDIWGQGTMVTVSSASTKGPSVFPLAPSSKSTSGGTAALGCLVKDYFPEPV
TVSWNSGALTSGVHTFPAVLQSSGLYSLSSVVTVPSSSLGTQTYICNVNHKPSNTKVDKKVEPKS
;
C
4 'polypeptide(L)'
;IVMTQSPSSLSASVGDRVTITCRASQTISSYLNWYQQKPGKAPKLLIYAASSLQSGVPSRFSGSGSGTDFTLTISSLQPE
DFATYYCQQSYSTPLITFGQGTRLEIKRTVAAPSVFIFPPSDEQLKSGTASVVCLLNNFYPREAKVQWKVDNALQSGNSQ
ESVTEQDSKDSTYSLSSTLTLSKADYEKHKVYACEVTHQGLSSPVTKSFNRGE
;
D
#
# COMPACT_ATOMS: atom_id res chain seq x y z
N ASN A 2 -33.16 -7.07 -10.22
CA ASN A 2 -34.22 -7.73 -10.99
C ASN A 2 -34.35 -7.04 -12.36
N CYS A 3 -33.89 -7.70 -13.44
CA CYS A 3 -33.74 -7.04 -14.74
C CYS A 3 -35.00 -7.29 -15.57
N ASN A 4 -35.87 -6.27 -15.63
CA ASN A 4 -37.21 -6.34 -16.22
C ASN A 4 -37.18 -6.12 -17.72
N TYR A 5 -38.24 -6.55 -18.39
CA TYR A 5 -38.42 -6.21 -19.80
C TYR A 5 -38.20 -4.72 -20.00
N LYS A 6 -37.71 -4.33 -21.16
CA LYS A 6 -37.41 -2.93 -21.35
C LYS A 6 -38.68 -2.20 -21.77
N ARG A 7 -38.78 -0.94 -21.36
CA ARG A 7 -39.92 -0.12 -21.72
C ARG A 7 -39.85 0.27 -23.19
N LYS A 8 -41.02 0.56 -23.77
CA LYS A 8 -41.09 0.93 -25.18
C LYS A 8 -40.20 2.13 -25.46
N ARG A 9 -39.56 2.15 -26.62
CA ARG A 9 -38.73 3.28 -27.00
C ARG A 9 -39.55 4.56 -26.96
N ARG A 10 -38.98 5.60 -26.35
CA ARG A 10 -39.56 6.93 -26.20
C ARG A 10 -40.76 6.98 -25.26
N GLU A 11 -41.18 5.84 -24.68
CA GLU A 11 -42.22 5.87 -23.64
C GLU A 11 -41.88 6.88 -22.55
N ARG A 12 -40.59 7.03 -22.23
CA ARG A 12 -40.11 8.04 -21.29
C ARG A 12 -38.97 8.78 -21.95
N ASP A 13 -39.19 10.07 -22.22
CA ASP A 13 -38.18 10.91 -22.86
C ASP A 13 -36.99 11.12 -21.91
N TRP A 14 -35.92 11.68 -22.45
CA TRP A 14 -34.72 11.97 -21.68
C TRP A 14 -35.06 12.77 -20.44
N ASP A 15 -34.23 12.68 -19.41
CA ASP A 15 -34.55 13.20 -18.08
C ASP A 15 -33.55 14.28 -17.66
N CYS A 16 -33.91 15.55 -17.86
CA CYS A 16 -33.07 16.68 -17.50
C CYS A 16 -33.41 17.30 -16.16
N ASN A 17 -34.41 16.75 -15.47
CA ASN A 17 -34.87 17.36 -14.23
C ASN A 17 -34.18 16.77 -13.00
N THR A 18 -33.79 15.50 -13.05
CA THR A 18 -33.24 14.82 -11.87
C THR A 18 -31.83 15.30 -11.54
N LYS A 19 -30.87 15.04 -12.42
CA LYS A 19 -29.56 15.67 -12.35
C LYS A 19 -29.57 16.83 -13.34
N LYS A 20 -29.46 18.05 -12.84
CA LYS A 20 -29.74 19.23 -13.64
C LYS A 20 -28.55 19.71 -14.47
N ASP A 21 -27.52 18.88 -14.63
CA ASP A 21 -26.43 19.17 -15.55
C ASP A 21 -26.33 18.15 -16.68
N VAL A 22 -27.27 17.20 -16.74
CA VAL A 22 -27.25 16.15 -17.76
C VAL A 22 -28.67 15.65 -18.00
N CYS A 23 -28.95 15.21 -19.22
CA CYS A 23 -30.18 14.51 -19.55
C CYS A 23 -29.87 13.02 -19.71
N ILE A 24 -30.57 12.19 -18.94
CA ILE A 24 -30.26 10.77 -18.82
C ILE A 24 -31.24 9.99 -19.66
N PRO A 25 -30.79 9.16 -20.60
CA PRO A 25 -31.73 8.36 -21.38
C PRO A 25 -32.35 7.26 -20.52
N ASP A 26 -33.59 6.92 -20.85
CA ASP A 26 -34.27 5.87 -20.10
C ASP A 26 -33.60 4.50 -20.26
N ARG A 27 -32.89 4.28 -21.37
CA ARG A 27 -32.09 3.08 -21.54
C ARG A 27 -31.03 2.94 -20.42
N ARG A 28 -30.35 4.04 -20.09
CA ARG A 28 -29.37 4.02 -19.00
C ARG A 28 -30.02 3.75 -17.65
N TYR A 29 -31.21 4.32 -17.40
CA TYR A 29 -31.89 4.06 -16.14
C TYR A 29 -32.20 2.59 -15.98
N GLN A 30 -32.49 1.91 -17.09
CA GLN A 30 -32.88 0.51 -17.07
C GLN A 30 -31.71 -0.44 -17.32
N LEU A 31 -30.46 0.06 -17.29
CA LEU A 31 -29.30 -0.79 -17.49
C LEU A 31 -29.28 -1.92 -16.46
N CYS A 32 -29.12 -3.14 -16.96
CA CYS A 32 -29.15 -4.32 -16.12
C CYS A 32 -27.92 -4.41 -15.23
N MET A 33 -28.11 -4.31 -13.91
CA MET A 33 -26.99 -4.37 -12.99
C MET A 33 -27.27 -5.30 -11.82
N LYS A 34 -28.04 -6.37 -12.04
CA LYS A 34 -28.38 -7.28 -10.95
C LYS A 34 -27.12 -7.82 -10.28
N GLU A 35 -26.26 -8.51 -11.05
CA GLU A 35 -25.11 -9.17 -10.45
C GLU A 35 -24.07 -8.16 -9.97
N LEU A 36 -23.87 -7.08 -10.73
CA LEU A 36 -22.96 -6.02 -10.33
C LEU A 36 -23.33 -5.40 -8.97
N THR A 37 -24.61 -5.42 -8.61
CA THR A 37 -25.03 -4.80 -7.36
C THR A 37 -24.92 -5.74 -6.16
N ASN A 38 -25.07 -7.04 -6.37
CA ASN A 38 -25.03 -7.95 -5.23
C ASN A 38 -23.62 -8.23 -4.74
N LEU A 39 -22.65 -8.19 -5.65
CA LEU A 39 -21.45 -9.01 -5.47
C LEU A 39 -20.81 -8.75 -4.11
N VAL A 40 -20.41 -9.84 -3.47
CA VAL A 40 -19.95 -9.82 -2.10
C VAL A 40 -18.51 -10.32 -2.05
N ASN A 41 -17.90 -10.23 -0.86
CA ASN A 41 -16.51 -10.61 -0.67
C ASN A 41 -16.36 -12.11 -0.62
N ASN A 42 -15.25 -12.59 -1.17
CA ASN A 42 -14.84 -13.97 -1.01
C ASN A 42 -14.47 -14.22 0.44
N THR A 43 -14.21 -15.49 0.76
CA THR A 43 -13.60 -15.79 2.04
C THR A 43 -12.10 -15.54 1.93
N ASP A 44 -11.59 -14.64 2.79
CA ASP A 44 -10.15 -14.61 2.96
C ASP A 44 -9.81 -14.14 4.36
N THR A 45 -10.37 -13.00 4.77
CA THR A 45 -10.09 -12.45 6.10
C THR A 45 -8.66 -11.94 6.25
N ASN A 46 -7.78 -12.22 5.28
CA ASN A 46 -6.51 -11.47 5.17
C ASN A 46 -6.77 -9.98 5.00
N PHE A 47 -5.75 -9.18 5.29
CA PHE A 47 -5.86 -7.74 5.08
C PHE A 47 -6.06 -7.43 3.60
N HIS A 48 -5.19 -7.93 2.75
CA HIS A 48 -5.28 -7.67 1.32
C HIS A 48 -5.68 -8.96 0.62
N ARG A 49 -6.77 -8.90 -0.15
CA ARG A 49 -7.38 -10.06 -0.78
C ARG A 49 -6.70 -10.38 -2.11
N ASP A 50 -7.11 -11.48 -2.74
CA ASP A 50 -6.56 -11.83 -4.05
C ASP A 50 -7.28 -11.01 -5.10
N ILE A 51 -6.68 -9.89 -5.49
CA ILE A 51 -7.35 -8.96 -6.40
C ILE A 51 -7.55 -9.61 -7.77
N THR A 52 -6.56 -10.39 -8.23
CA THR A 52 -6.71 -11.10 -9.50
C THR A 52 -7.98 -11.94 -9.51
N PHE A 53 -8.29 -12.60 -8.39
CA PHE A 53 -9.48 -13.44 -8.37
C PHE A 53 -10.75 -12.65 -8.11
N ARG A 54 -10.63 -11.50 -7.43
CA ARG A 54 -11.74 -10.58 -7.31
C ARG A 54 -12.13 -10.02 -8.68
N LYS A 55 -11.12 -9.78 -9.55
CA LYS A 55 -11.42 -9.32 -10.90
C LYS A 55 -12.04 -10.43 -11.74
N LEU A 56 -11.65 -11.68 -11.51
CA LEU A 56 -12.26 -12.78 -12.23
C LEU A 56 -13.70 -12.98 -11.80
N TYR A 57 -13.97 -12.83 -10.50
CA TYR A 57 -15.33 -12.85 -9.98
C TYR A 57 -16.18 -11.77 -10.62
N LEU A 58 -15.63 -10.56 -10.69
CA LEU A 58 -16.30 -9.43 -11.33
C LEU A 58 -16.56 -9.71 -12.81
N LYS A 59 -15.56 -10.21 -13.54
CA LYS A 59 -15.78 -10.50 -14.96
C LYS A 59 -16.99 -11.40 -15.15
N ARG A 60 -17.05 -12.49 -14.38
CA ARG A 60 -18.18 -13.40 -14.50
C ARG A 60 -19.50 -12.67 -14.26
N LYS A 61 -19.58 -11.89 -13.18
CA LYS A 61 -20.82 -11.19 -12.85
C LYS A 61 -21.18 -10.21 -13.96
N LEU A 62 -20.19 -9.47 -14.47
CA LEU A 62 -20.46 -8.48 -15.50
C LEU A 62 -20.88 -9.14 -16.81
N ILE A 63 -20.29 -10.30 -17.13
CA ILE A 63 -20.69 -11.04 -18.32
C ILE A 63 -22.16 -11.47 -18.23
N TYR A 64 -22.60 -11.91 -17.05
CA TYR A 64 -24.01 -12.30 -16.89
C TYR A 64 -24.94 -11.10 -17.11
N ASP A 65 -24.61 -9.94 -16.53
CA ASP A 65 -25.47 -8.78 -16.69
C ASP A 65 -25.47 -8.28 -18.13
N ALA A 66 -24.31 -8.33 -18.79
CA ALA A 66 -24.26 -7.93 -20.20
C ALA A 66 -25.04 -8.89 -21.07
N ALA A 67 -24.97 -10.19 -20.80
CA ALA A 67 -25.77 -11.15 -21.56
C ALA A 67 -27.26 -10.87 -21.41
N VAL A 68 -27.72 -10.63 -20.18
CA VAL A 68 -29.14 -10.34 -19.97
C VAL A 68 -29.54 -9.05 -20.67
N GLU A 69 -28.70 -8.00 -20.53
CA GLU A 69 -28.97 -6.74 -21.21
C GLU A 69 -29.11 -6.94 -22.70
N GLY A 70 -28.18 -7.68 -23.31
CA GLY A 70 -28.27 -7.92 -24.75
C GLY A 70 -29.51 -8.69 -25.14
N ASP A 71 -29.99 -9.57 -24.26
CA ASP A 71 -31.20 -10.32 -24.52
C ASP A 71 -32.43 -9.41 -24.49
N LEU A 72 -32.54 -8.58 -23.46
CA LEU A 72 -33.67 -7.65 -23.37
C LEU A 72 -33.62 -6.58 -24.44
N LEU A 73 -32.43 -6.17 -24.89
CA LEU A 73 -32.37 -5.18 -25.97
C LEU A 73 -32.80 -5.81 -27.29
N LEU A 74 -32.53 -7.10 -27.48
CA LEU A 74 -33.08 -7.79 -28.64
C LEU A 74 -34.61 -7.89 -28.54
N LYS A 75 -35.13 -8.17 -27.35
CA LYS A 75 -36.58 -8.26 -27.15
C LYS A 75 -37.24 -6.90 -27.33
N LEU A 76 -36.55 -5.82 -26.92
CA LEU A 76 -37.08 -4.47 -27.12
C LEU A 76 -37.21 -4.13 -28.61
N ASN A 77 -36.35 -4.69 -29.44
CA ASN A 77 -36.37 -4.46 -30.89
C ASN A 77 -37.27 -5.46 -31.62
N ASN A 78 -38.18 -6.14 -30.92
CA ASN A 78 -39.10 -7.12 -31.52
C ASN A 78 -38.35 -8.23 -32.24
N TYR A 79 -37.23 -8.65 -31.66
CA TYR A 79 -36.42 -9.76 -32.18
C TYR A 79 -35.94 -9.50 -33.60
N ARG A 80 -35.69 -8.23 -33.93
CA ARG A 80 -35.07 -7.85 -35.21
C ARG A 80 -33.59 -7.59 -35.00
N TYR A 81 -32.76 -8.29 -35.75
CA TYR A 81 -31.32 -8.08 -35.77
C TYR A 81 -31.02 -7.08 -36.87
N ASN A 82 -31.09 -5.79 -36.53
CA ASN A 82 -30.82 -4.71 -37.46
C ASN A 82 -29.94 -3.66 -36.77
N LYS A 83 -29.68 -2.57 -37.49
CA LYS A 83 -28.73 -1.55 -37.01
C LYS A 83 -29.22 -0.85 -35.75
N ASP A 84 -30.53 -0.75 -35.53
CA ASP A 84 -31.00 -0.12 -34.30
C ASP A 84 -30.63 -0.93 -33.07
N PHE A 85 -30.63 -2.25 -33.20
CA PHE A 85 -30.21 -3.13 -32.12
C PHE A 85 -28.71 -2.98 -31.85
N CYS A 86 -27.91 -3.01 -32.92
CA CYS A 86 -26.47 -2.77 -32.80
C CYS A 86 -26.15 -1.46 -32.07
N LYS A 87 -26.86 -0.38 -32.41
CA LYS A 87 -26.61 0.88 -31.72
C LYS A 87 -26.91 0.76 -30.22
N ASP A 88 -28.03 0.14 -29.85
CA ASP A 88 -28.33 -0.09 -28.44
C ASP A 88 -27.25 -0.90 -27.75
N ILE A 89 -26.79 -1.99 -28.39
CA ILE A 89 -25.71 -2.79 -27.81
C ILE A 89 -24.50 -1.90 -27.57
N ARG A 90 -24.18 -1.04 -28.55
CA ARG A 90 -23.04 -0.14 -28.40
C ARG A 90 -23.26 0.84 -27.24
N TRP A 91 -24.48 1.38 -27.09
CA TRP A 91 -24.71 2.39 -26.05
C TRP A 91 -24.64 1.78 -24.66
N SER A 92 -25.18 0.57 -24.47
CA SER A 92 -25.15 -0.05 -23.16
C SER A 92 -23.76 -0.61 -22.82
N LEU A 93 -23.06 -1.20 -23.79
CA LEU A 93 -21.67 -1.56 -23.53
C LEU A 93 -20.87 -0.34 -23.06
N GLY A 94 -21.02 0.79 -23.77
CA GLY A 94 -20.33 2.01 -23.36
C GLY A 94 -20.67 2.44 -21.96
N ASP A 95 -21.91 2.21 -21.53
CA ASP A 95 -22.34 2.63 -20.20
C ASP A 95 -21.79 1.68 -19.13
N PHE A 96 -21.83 0.37 -19.41
CA PHE A 96 -21.10 -0.57 -18.59
C PHE A 96 -19.66 -0.11 -18.42
N GLY A 97 -19.02 0.31 -19.52
CA GLY A 97 -17.63 0.74 -19.44
C GLY A 97 -17.43 1.91 -18.50
N ASP A 98 -18.24 2.95 -18.65
CA ASP A 98 -18.06 4.11 -17.77
C ASP A 98 -18.42 3.80 -16.32
N ILE A 99 -19.25 2.78 -16.08
CA ILE A 99 -19.47 2.34 -14.71
C ILE A 99 -18.23 1.64 -14.16
N ILE A 100 -17.66 0.72 -14.96
CA ILE A 100 -16.43 0.04 -14.59
C ILE A 100 -15.30 1.05 -14.35
N MET A 101 -15.14 2.01 -15.27
CA MET A 101 -14.08 3.01 -15.13
C MET A 101 -14.43 4.13 -14.16
N GLY A 102 -15.66 4.22 -13.66
CA GLY A 102 -15.99 5.25 -12.69
C GLY A 102 -16.17 6.63 -13.26
N THR A 103 -16.41 6.73 -14.58
CA THR A 103 -16.67 7.99 -15.26
C THR A 103 -18.12 8.08 -15.72
N ASP A 104 -19.05 7.51 -14.96
CA ASP A 104 -20.45 7.48 -15.37
C ASP A 104 -21.20 8.67 -14.75
N MET A 105 -22.14 9.23 -15.52
CA MET A 105 -22.76 10.51 -15.20
C MET A 105 -24.03 10.42 -14.36
N GLU A 106 -24.62 9.23 -14.25
CA GLU A 106 -25.79 9.01 -13.42
C GLU A 106 -25.35 8.40 -12.10
N GLY A 107 -25.37 9.17 -11.03
CA GLY A 107 -24.99 8.63 -9.74
C GLY A 107 -26.19 8.42 -8.85
N ILE A 108 -26.99 7.39 -9.13
CA ILE A 108 -28.30 7.25 -8.51
C ILE A 108 -28.53 5.81 -8.09
N GLY A 109 -28.94 5.61 -6.83
CA GLY A 109 -29.50 4.36 -6.35
C GLY A 109 -28.57 3.17 -6.36
N TYR A 110 -28.88 2.20 -7.24
CA TYR A 110 -28.05 1.01 -7.35
C TYR A 110 -26.70 1.28 -7.99
N SER A 111 -26.54 2.43 -8.67
CA SER A 111 -25.24 2.77 -9.24
C SER A 111 -24.22 3.14 -8.14
N LYS A 112 -24.68 3.74 -7.03
CA LYS A 112 -23.74 4.08 -5.97
C LYS A 112 -23.21 2.84 -5.24
N VAL A 113 -24.06 1.82 -5.08
CA VAL A 113 -23.67 0.53 -4.54
C VAL A 113 -22.65 -0.16 -5.43
N VAL A 114 -22.91 -0.17 -6.74
CA VAL A 114 -21.96 -0.73 -7.70
C VAL A 114 -20.60 -0.04 -7.55
N GLU A 115 -20.60 1.29 -7.39
CA GLU A 115 -19.33 1.99 -7.27
C GLU A 115 -18.57 1.55 -6.02
N ASN A 116 -19.27 1.23 -4.94
CA ASN A 116 -18.57 0.74 -3.76
C ASN A 116 -18.08 -0.68 -3.94
N ASN A 117 -18.86 -1.52 -4.63
CA ASN A 117 -18.36 -2.86 -4.94
C ASN A 117 -17.09 -2.78 -5.77
N LEU A 118 -17.08 -1.90 -6.80
CA LEU A 118 -15.87 -1.74 -7.61
C LEU A 118 -14.70 -1.16 -6.81
N ARG A 119 -14.98 -0.29 -5.85
CA ARG A 119 -13.89 0.24 -5.04
C ARG A 119 -13.27 -0.84 -4.15
N SER A 120 -14.04 -1.85 -3.76
CA SER A 120 -13.48 -2.91 -2.94
C SER A 120 -12.56 -3.82 -3.74
N ILE A 121 -12.82 -3.96 -5.04
CA ILE A 121 -11.95 -4.74 -5.91
C ILE A 121 -10.70 -3.96 -6.31
N PHE A 122 -10.87 -2.70 -6.75
CA PHE A 122 -9.77 -1.94 -7.35
C PHE A 122 -9.06 -0.97 -6.40
N GLY A 123 -9.58 -0.74 -5.20
CA GLY A 123 -8.99 0.25 -4.30
C GLY A 123 -9.46 1.65 -4.63
N THR A 124 -8.90 2.62 -3.88
CA THR A 124 -9.31 4.02 -4.01
C THR A 124 -8.18 5.02 -4.19
N ASP A 125 -6.92 4.60 -4.29
CA ASP A 125 -5.84 5.58 -4.37
C ASP A 125 -5.86 6.29 -5.73
N GLU A 126 -5.00 7.32 -5.87
CA GLU A 126 -4.94 8.13 -7.09
C GLU A 126 -4.85 7.27 -8.35
N LYS A 127 -4.31 6.07 -8.25
CA LYS A 127 -4.02 5.29 -9.43
C LYS A 127 -5.11 4.26 -9.74
N ALA A 128 -6.09 4.10 -8.85
CA ALA A 128 -7.12 3.08 -9.08
C ALA A 128 -7.85 3.31 -10.39
N GLN A 129 -8.01 4.56 -10.79
CA GLN A 129 -8.72 4.82 -12.05
C GLN A 129 -7.92 4.31 -13.24
N GLN A 130 -6.59 4.48 -13.23
CA GLN A 130 -5.79 3.87 -14.29
C GLN A 130 -6.01 2.36 -14.31
N ARG A 131 -6.00 1.74 -13.14
CA ARG A 131 -6.19 0.30 -13.05
C ARG A 131 -7.56 -0.12 -13.58
N ARG A 132 -8.62 0.60 -13.21
CA ARG A 132 -9.95 0.25 -13.68
C ARG A 132 -10.05 0.39 -15.20
N LYS A 133 -9.37 1.40 -15.77
CA LYS A 133 -9.43 1.60 -17.21
C LYS A 133 -8.65 0.51 -17.94
N GLN A 134 -7.51 0.10 -17.39
CA GLN A 134 -6.73 -0.96 -18.00
C GLN A 134 -7.55 -2.25 -18.05
N TRP A 135 -8.21 -2.59 -16.94
CA TRP A 135 -8.99 -3.82 -16.90
C TRP A 135 -10.21 -3.72 -17.82
N TRP A 136 -10.81 -2.55 -17.93
CA TRP A 136 -11.93 -2.44 -18.88
C TRP A 136 -11.46 -2.67 -20.30
N ASN A 137 -10.30 -2.11 -20.65
CA ASN A 137 -9.81 -2.22 -22.02
C ASN A 137 -9.39 -3.66 -22.35
N GLU A 138 -8.94 -4.43 -21.39
CA GLU A 138 -8.64 -5.80 -21.77
C GLU A 138 -9.88 -6.69 -21.72
N SER A 139 -11.01 -6.18 -21.21
CA SER A 139 -12.21 -6.99 -21.06
C SER A 139 -13.32 -6.63 -22.01
N LYS A 140 -13.32 -5.41 -22.57
CA LYS A 140 -14.53 -4.87 -23.19
C LYS A 140 -14.99 -5.70 -24.38
N ALA A 141 -14.07 -6.34 -25.10
CA ALA A 141 -14.51 -7.11 -26.27
C ALA A 141 -15.14 -8.42 -25.82
N GLN A 142 -14.64 -9.00 -24.73
CA GLN A 142 -15.31 -10.17 -24.19
C GLN A 142 -16.67 -9.81 -23.63
N ILE A 143 -16.79 -8.62 -23.01
CA ILE A 143 -18.09 -8.19 -22.53
C ILE A 143 -19.04 -7.98 -23.69
N TRP A 144 -18.55 -7.40 -24.78
CA TRP A 144 -19.38 -7.24 -25.97
C TRP A 144 -19.85 -8.58 -26.50
N THR A 145 -18.96 -9.57 -26.53
CA THR A 145 -19.35 -10.89 -27.02
C THR A 145 -20.47 -11.49 -26.18
N ALA A 146 -20.46 -11.25 -24.86
CA ALA A 146 -21.56 -11.70 -24.02
C ALA A 146 -22.85 -10.98 -24.36
N MET A 147 -22.77 -9.71 -24.77
CA MET A 147 -24.00 -9.01 -25.14
C MET A 147 -24.57 -9.53 -26.43
N MET A 148 -23.75 -10.14 -27.28
CA MET A 148 -24.23 -10.72 -28.51
C MET A 148 -24.59 -12.20 -28.37
N TYR A 149 -24.55 -12.73 -27.14
CA TYR A 149 -24.86 -14.16 -26.97
C TYR A 149 -26.26 -14.50 -27.50
N SER A 150 -27.24 -13.63 -27.25
CA SER A 150 -28.63 -13.97 -27.57
C SER A 150 -28.90 -14.00 -29.08
N VAL A 151 -28.62 -12.90 -29.80
CA VAL A 151 -28.75 -12.93 -31.26
C VAL A 151 -27.99 -14.11 -31.85
N LYS A 152 -26.71 -14.26 -31.47
CA LYS A 152 -25.90 -15.36 -31.95
C LYS A 152 -26.60 -16.70 -31.74
N LYS A 153 -27.06 -16.96 -30.51
CA LYS A 153 -27.66 -18.25 -30.18
C LYS A 153 -28.90 -18.51 -31.02
N ARG A 154 -29.74 -17.48 -31.18
CA ARG A 154 -31.01 -17.64 -31.89
C ARG A 154 -30.82 -17.85 -33.38
N LEU A 155 -29.93 -17.07 -34.02
CA LEU A 155 -29.75 -17.19 -35.46
C LEU A 155 -29.02 -18.46 -35.85
N LYS A 156 -28.23 -19.05 -34.95
CA LYS A 156 -27.54 -20.31 -35.22
C LYS A 156 -26.75 -20.20 -36.52
N GLY A 157 -27.03 -21.09 -37.48
CA GLY A 157 -26.26 -21.14 -38.70
C GLY A 157 -26.37 -19.91 -39.57
N ASN A 158 -27.41 -19.09 -39.37
CA ASN A 158 -27.65 -17.93 -40.20
C ASN A 158 -27.03 -16.64 -39.65
N PHE A 159 -26.34 -16.71 -38.52
CA PHE A 159 -25.79 -15.49 -37.93
C PHE A 159 -24.77 -14.86 -38.86
N ILE A 160 -24.73 -13.52 -38.84
CA ILE A 160 -23.76 -12.74 -39.58
C ILE A 160 -23.40 -11.53 -38.73
N TRP A 161 -22.19 -11.02 -38.91
CA TRP A 161 -21.72 -9.90 -38.11
C TRP A 161 -22.28 -8.62 -38.68
N ILE A 162 -23.47 -8.24 -38.24
CA ILE A 162 -24.00 -6.93 -38.58
C ILE A 162 -23.32 -5.86 -37.73
N CYS A 163 -23.45 -5.98 -36.42
CA CYS A 163 -22.69 -5.13 -35.50
C CYS A 163 -21.21 -5.38 -35.67
N LYS A 164 -20.43 -4.30 -35.60
CA LYS A 164 -18.99 -4.35 -35.80
C LYS A 164 -18.29 -4.13 -34.46
N LEU A 165 -17.44 -5.10 -34.09
CA LEU A 165 -16.79 -5.09 -32.77
C LEU A 165 -15.94 -3.82 -32.57
N ASN A 166 -15.16 -3.45 -33.58
CA ASN A 166 -14.29 -2.28 -33.48
C ASN A 166 -15.07 -1.01 -33.16
N VAL A 167 -16.22 -0.80 -33.82
CA VAL A 167 -17.02 0.40 -33.55
C VAL A 167 -17.54 0.38 -32.10
N ALA A 168 -18.02 -0.78 -31.63
CA ALA A 168 -18.68 -0.85 -30.34
C ALA A 168 -17.72 -0.65 -29.16
N VAL A 169 -16.49 -1.18 -29.26
CA VAL A 169 -15.54 -1.05 -28.16
C VAL A 169 -14.81 0.27 -28.15
N ASN A 170 -15.07 1.15 -29.11
CA ASN A 170 -14.40 2.45 -29.16
C ASN A 170 -14.69 3.24 -27.88
N ILE A 171 -13.63 3.70 -27.21
CA ILE A 171 -13.76 4.49 -25.98
C ILE A 171 -13.84 5.97 -26.35
N GLU A 172 -14.88 6.63 -25.86
CA GLU A 172 -15.03 8.08 -25.98
C GLU A 172 -15.92 8.51 -24.83
N PRO A 173 -15.85 9.77 -24.40
CA PRO A 173 -16.59 10.18 -23.20
C PRO A 173 -18.08 9.86 -23.32
N GLN A 174 -18.69 9.55 -22.18
CA GLN A 174 -20.10 9.20 -22.13
C GLN A 174 -20.97 10.22 -22.86
N ILE A 175 -20.63 11.50 -22.75
CA ILE A 175 -21.49 12.54 -23.32
C ILE A 175 -21.49 12.49 -24.84
N TYR A 176 -20.34 12.18 -25.47
CA TYR A 176 -20.32 11.96 -26.92
C TYR A 176 -21.31 10.86 -27.30
N ARG A 177 -21.28 9.73 -26.59
CA ARG A 177 -22.14 8.62 -26.96
C ARG A 177 -23.62 8.94 -26.74
N TRP A 178 -23.94 9.71 -25.70
CA TRP A 178 -25.33 10.04 -25.44
C TRP A 178 -25.88 11.05 -26.45
N ILE A 179 -25.01 11.95 -26.94
CA ILE A 179 -25.43 12.85 -28.02
C ILE A 179 -25.76 12.04 -29.28
N ARG A 180 -24.89 11.06 -29.61
CA ARG A 180 -25.18 10.18 -30.73
C ARG A 180 -26.55 9.54 -30.55
N GLU A 181 -26.80 8.98 -29.37
CA GLU A 181 -28.07 8.30 -29.11
C GLU A 181 -29.23 9.29 -29.21
N TRP A 182 -29.04 10.51 -28.67
CA TRP A 182 -30.10 11.51 -28.70
C TRP A 182 -30.36 11.98 -30.13
N GLY A 183 -29.31 12.18 -30.91
CA GLY A 183 -29.50 12.57 -32.30
C GLY A 183 -30.34 11.58 -33.08
N ARG A 184 -30.18 10.28 -32.80
CA ARG A 184 -30.97 9.27 -33.49
C ARG A 184 -32.42 9.29 -33.00
N ASP A 185 -32.61 9.56 -31.70
CA ASP A 185 -33.96 9.70 -31.16
C ASP A 185 -34.67 10.91 -31.77
N TYR A 186 -33.94 12.02 -31.93
CA TYR A 186 -34.54 13.21 -32.52
C TYR A 186 -35.01 12.95 -33.94
N VAL A 187 -34.13 12.36 -34.75
CA VAL A 187 -34.42 12.07 -36.15
C VAL A 187 -35.54 11.05 -36.33
N SER A 188 -35.91 10.31 -35.29
CA SER A 188 -37.08 9.47 -35.40
C SER A 188 -38.34 10.13 -34.89
N GLU A 189 -38.22 11.09 -33.96
CA GLU A 189 -39.41 11.83 -33.52
C GLU A 189 -39.81 12.91 -34.52
N LEU A 190 -38.83 13.57 -35.16
CA LEU A 190 -39.11 14.75 -35.97
C LEU A 190 -40.06 14.47 -37.13
N PRO A 191 -39.77 13.54 -38.05
CA PRO A 191 -40.74 13.28 -39.13
C PRO A 191 -42.09 12.81 -38.62
N THR A 192 -42.11 12.10 -37.48
CA THR A 192 -43.39 11.74 -36.88
C THR A 192 -44.13 12.96 -36.36
N GLU A 193 -43.39 13.90 -35.78
CA GLU A 193 -44.02 15.06 -35.17
C GLU A 193 -44.50 16.09 -36.20
N VAL A 194 -43.80 16.22 -37.33
CA VAL A 194 -44.23 17.18 -38.35
C VAL A 194 -45.36 16.60 -39.20
N GLN A 195 -45.39 15.29 -39.42
CA GLN A 195 -46.49 14.73 -40.18
C GLN A 195 -47.78 14.77 -39.37
N LYS A 196 -47.66 14.79 -38.03
CA LYS A 196 -48.80 14.97 -37.16
C LYS A 196 -49.35 16.39 -37.23
N LEU A 197 -48.58 17.33 -37.78
CA LEU A 197 -49.02 18.68 -38.13
C LEU A 197 -49.69 18.73 -39.50
N LYS A 198 -48.99 18.23 -40.53
CA LYS A 198 -49.51 18.25 -41.90
C LYS A 198 -50.84 17.54 -42.03
N GLU A 199 -51.23 16.74 -41.04
CA GLU A 199 -52.60 16.23 -41.00
C GLU A 199 -53.60 17.37 -40.88
N LYS A 200 -53.25 18.41 -40.11
CA LYS A 200 -54.21 19.44 -39.72
C LYS A 200 -53.95 20.83 -40.30
N CYS A 201 -52.69 21.17 -40.62
CA CYS A 201 -52.34 22.53 -40.99
C CYS A 201 -51.79 22.66 -42.41
N ASP A 202 -51.80 21.58 -43.20
CA ASP A 202 -51.18 21.64 -44.52
C ASP A 202 -52.11 22.28 -45.53
N GLY A 203 -51.53 23.04 -46.44
CA GLY A 203 -52.31 23.80 -47.38
C GLY A 203 -52.80 25.08 -46.75
N LYS A 204 -53.79 25.69 -47.41
CA LYS A 204 -54.33 26.95 -46.94
C LYS A 204 -55.84 26.86 -46.89
N ILE A 205 -56.41 27.39 -45.82
CA ILE A 205 -57.86 27.47 -45.66
C ILE A 205 -58.39 28.59 -46.54
N ASN A 206 -59.55 28.37 -47.15
CA ASN A 206 -60.01 29.17 -48.30
C ASN A 206 -58.90 29.08 -49.34
N TYR A 207 -58.53 30.18 -50.00
CA TYR A 207 -57.32 30.17 -50.81
C TYR A 207 -56.21 31.03 -50.26
N THR A 208 -56.51 31.95 -49.34
CA THR A 208 -55.52 32.93 -48.91
C THR A 208 -55.14 32.84 -47.42
N ASP A 209 -56.04 32.40 -46.54
CA ASP A 209 -55.71 32.34 -45.12
C ASP A 209 -54.90 31.09 -44.79
N LYS A 210 -54.17 31.14 -43.68
CA LYS A 210 -53.46 29.97 -43.16
C LYS A 210 -54.32 29.26 -42.11
N LYS A 211 -54.27 27.92 -42.13
CA LYS A 211 -55.20 27.13 -41.33
C LYS A 211 -55.04 27.39 -39.84
N VAL A 212 -53.82 27.70 -39.38
CA VAL A 212 -53.57 27.88 -37.96
C VAL A 212 -54.21 29.13 -37.37
N CYS A 213 -54.68 30.05 -38.22
CA CYS A 213 -55.23 31.32 -37.73
C CYS A 213 -56.66 31.20 -37.25
N LYS A 214 -57.29 30.03 -37.35
CA LYS A 214 -58.64 29.85 -36.85
C LYS A 214 -58.93 28.39 -36.48
N VAL A 215 -58.61 27.45 -37.38
CA VAL A 215 -58.94 26.03 -37.22
C VAL A 215 -58.42 25.49 -35.89
N PRO A 216 -59.28 25.12 -34.95
CA PRO A 216 -58.81 24.66 -33.61
C PRO A 216 -58.13 23.28 -33.65
N PRO A 217 -58.55 22.33 -34.49
CA PRO A 217 -57.76 21.08 -34.60
C PRO A 217 -56.31 21.31 -34.99
N CYS A 218 -56.02 22.38 -35.75
CA CYS A 218 -54.65 22.71 -36.09
C CYS A 218 -53.95 23.53 -35.00
N GLN A 219 -54.70 24.14 -34.09
CA GLN A 219 -54.05 24.89 -33.00
C GLN A 219 -53.63 23.98 -31.86
N ASN A 220 -54.38 22.90 -31.62
CA ASN A 220 -53.94 21.92 -30.62
C ASN A 220 -52.75 21.12 -31.13
N ALA A 221 -52.65 20.93 -32.45
CA ALA A 221 -51.47 20.27 -33.02
C ALA A 221 -50.25 21.17 -32.98
N CYS A 222 -50.42 22.49 -33.06
CA CYS A 222 -49.30 23.39 -32.87
C CYS A 222 -48.92 23.48 -31.39
N LYS A 223 -49.87 23.25 -30.49
CA LYS A 223 -49.57 23.29 -29.07
C LYS A 223 -48.75 22.08 -28.62
N SER A 224 -48.95 20.93 -29.28
CA SER A 224 -48.22 19.71 -28.93
C SER A 224 -46.84 19.68 -29.55
N TYR A 225 -46.71 20.02 -30.84
CA TYR A 225 -45.39 20.20 -31.42
C TYR A 225 -44.60 21.26 -30.65
N ASP A 226 -45.28 22.19 -29.99
CA ASP A 226 -44.61 23.20 -29.18
C ASP A 226 -43.98 22.57 -27.93
N GLN A 227 -44.76 21.75 -27.21
CA GLN A 227 -44.25 21.05 -26.04
C GLN A 227 -43.10 20.13 -26.41
N TRP A 228 -43.17 19.49 -27.59
CA TRP A 228 -42.14 18.55 -27.99
C TRP A 228 -40.86 19.29 -28.39
N ILE A 229 -40.96 20.28 -29.28
CA ILE A 229 -39.77 21.00 -29.70
C ILE A 229 -39.15 21.76 -28.52
N THR A 230 -39.96 22.18 -27.55
CA THR A 230 -39.38 22.88 -26.41
C THR A 230 -38.52 21.92 -25.56
N ARG A 231 -38.94 20.64 -25.46
CA ARG A 231 -38.15 19.63 -24.76
C ARG A 231 -36.86 19.32 -25.48
N LYS A 232 -36.95 19.02 -26.78
CA LYS A 232 -35.77 18.80 -27.60
C LYS A 232 -34.77 19.94 -27.46
N LYS A 233 -35.26 21.18 -27.51
CA LYS A 233 -34.39 22.35 -27.33
C LYS A 233 -33.75 22.35 -25.94
N ASN A 234 -34.54 22.10 -24.90
CA ASN A 234 -34.00 21.94 -23.56
C ASN A 234 -32.90 20.88 -23.53
N GLN A 235 -33.23 19.67 -23.97
CA GLN A 235 -32.29 18.55 -23.94
C GLN A 235 -31.01 18.86 -24.70
N TRP A 236 -31.12 19.50 -25.88
CA TRP A 236 -29.93 19.83 -26.66
C TRP A 236 -29.04 20.84 -25.95
N ASP A 237 -29.64 21.78 -25.21
CA ASP A 237 -28.85 22.81 -24.53
C ASP A 237 -27.98 22.19 -23.43
N VAL A 238 -28.58 21.36 -22.56
CA VAL A 238 -27.81 20.84 -21.43
C VAL A 238 -26.79 19.81 -21.89
N LEU A 239 -27.13 19.02 -22.91
CA LEU A 239 -26.18 18.03 -23.40
C LEU A 239 -24.99 18.71 -24.07
N SER A 240 -25.22 19.82 -24.78
CA SER A 240 -24.12 20.59 -25.35
C SER A 240 -23.31 21.28 -24.27
N ASN A 241 -23.99 21.74 -23.21
CA ASN A 241 -23.28 22.30 -22.06
C ASN A 241 -22.37 21.25 -21.44
N LYS A 242 -22.91 20.07 -21.16
CA LYS A 242 -22.11 18.99 -20.61
C LYS A 242 -20.98 18.61 -21.58
N PHE A 243 -21.26 18.67 -22.88
CA PHE A 243 -20.21 18.37 -23.87
C PHE A 243 -19.06 19.37 -23.76
N ILE A 244 -19.38 20.66 -23.69
CA ILE A 244 -18.35 21.70 -23.60
C ILE A 244 -17.60 21.57 -22.29
N SER A 245 -18.33 21.38 -21.18
CA SER A 245 -17.72 21.16 -19.88
C SER A 245 -16.79 19.94 -19.90
N VAL A 246 -17.21 18.85 -20.52
CA VAL A 246 -16.41 17.62 -20.54
C VAL A 246 -15.22 17.75 -21.49
N LYS A 247 -15.42 18.31 -22.68
CA LYS A 247 -14.38 18.40 -23.70
C LYS A 247 -13.12 19.07 -23.17
N ASN A 248 -13.21 20.37 -22.86
CA ASN A 248 -12.02 21.10 -22.45
C ASN A 248 -11.61 20.83 -21.01
N ALA A 249 -12.36 20.00 -20.28
CA ALA A 249 -11.85 19.43 -19.05
C ALA A 249 -11.23 18.06 -19.27
N GLU A 250 -10.87 17.73 -20.51
CA GLU A 250 -10.34 16.42 -20.88
C GLU A 250 -9.11 16.60 -21.76
N LYS A 251 -8.11 15.74 -21.57
CA LYS A 251 -6.83 15.92 -22.32
C LYS A 251 -6.71 14.89 -23.44
N VAL A 252 -7.33 13.73 -23.26
CA VAL A 252 -7.33 12.75 -24.38
C VAL A 252 -8.17 13.41 -25.47
N GLN A 253 -7.52 13.90 -26.53
CA GLN A 253 -8.27 14.66 -27.57
C GLN A 253 -8.98 13.69 -28.53
N THR A 254 -10.03 14.19 -29.20
CA THR A 254 -10.82 13.36 -30.14
C THR A 254 -10.80 14.03 -31.51
N ALA A 255 -9.75 13.78 -32.29
CA ALA A 255 -9.60 14.38 -33.60
C ALA A 255 -10.88 14.20 -34.42
N GLY A 256 -11.44 15.32 -34.89
CA GLY A 256 -12.67 15.31 -35.66
C GLY A 256 -13.90 15.77 -34.90
N ILE A 257 -13.82 15.97 -33.59
CA ILE A 257 -14.94 16.45 -32.79
C ILE A 257 -14.49 17.76 -32.14
N VAL A 258 -15.13 18.86 -32.52
CA VAL A 258 -14.85 20.17 -31.96
C VAL A 258 -16.03 20.69 -31.14
N THR A 259 -17.27 20.44 -31.61
CA THR A 259 -18.52 20.90 -31.01
C THR A 259 -19.58 19.80 -31.07
N PRO A 260 -20.72 19.96 -30.38
CA PRO A 260 -21.75 18.90 -30.43
C PRO A 260 -22.26 18.62 -31.84
N TYR A 261 -22.28 19.61 -32.71
CA TYR A 261 -22.76 19.37 -34.07
C TYR A 261 -21.87 18.37 -34.81
N ASP A 262 -20.56 18.38 -34.53
CA ASP A 262 -19.67 17.44 -35.19
C ASP A 262 -20.16 16.02 -34.99
N ILE A 263 -20.63 15.72 -33.78
CA ILE A 263 -21.05 14.37 -33.45
C ILE A 263 -22.28 13.98 -34.25
N LEU A 264 -23.28 14.87 -34.32
CA LEU A 264 -24.48 14.54 -35.09
C LEU A 264 -24.15 14.35 -36.57
N LYS A 265 -23.24 15.17 -37.09
CA LYS A 265 -22.84 15.02 -38.49
C LYS A 265 -22.22 13.65 -38.75
N GLN A 266 -21.33 13.21 -37.85
CA GLN A 266 -20.77 11.87 -37.94
C GLN A 266 -21.85 10.79 -37.94
N GLU A 267 -22.84 10.95 -37.08
CA GLU A 267 -23.77 9.89 -36.69
C GLU A 267 -24.98 9.82 -37.60
N LEU A 268 -25.48 10.96 -38.04
CA LEU A 268 -26.74 11.02 -38.77
C LEU A 268 -26.46 11.19 -40.26
N ASP A 269 -26.98 10.27 -41.07
CA ASP A 269 -27.03 10.50 -42.51
C ASP A 269 -28.02 11.62 -42.79
N GLU A 270 -27.71 12.45 -43.78
CA GLU A 270 -28.55 13.59 -44.12
C GLU A 270 -28.69 14.57 -42.96
N PHE A 271 -27.64 14.74 -42.17
CA PHE A 271 -27.69 15.77 -41.14
C PHE A 271 -27.44 17.12 -41.78
N ASN A 272 -28.33 18.06 -41.51
CA ASN A 272 -28.11 19.45 -41.87
C ASN A 272 -28.00 20.28 -40.61
N GLU A 273 -26.82 20.85 -40.40
CA GLU A 273 -26.60 21.64 -39.19
C GLU A 273 -27.54 22.85 -39.14
N VAL A 274 -27.69 23.56 -40.27
CA VAL A 274 -28.48 24.78 -40.24
C VAL A 274 -29.99 24.49 -40.24
N ALA A 275 -30.42 23.40 -40.88
CA ALA A 275 -31.83 23.04 -40.76
C ALA A 275 -32.15 22.54 -39.36
N PHE A 276 -31.17 21.92 -38.70
CA PHE A 276 -31.40 21.43 -37.35
C PHE A 276 -31.45 22.59 -36.37
N GLU A 277 -30.51 23.55 -36.49
CA GLU A 277 -30.54 24.72 -35.64
C GLU A 277 -31.85 25.48 -35.78
N ASN A 278 -32.42 25.51 -37.00
CA ASN A 278 -33.73 26.11 -37.17
C ASN A 278 -34.82 25.26 -36.52
N GLU A 279 -34.80 23.95 -36.75
CA GLU A 279 -35.88 23.10 -36.28
C GLU A 279 -36.11 23.27 -34.78
N ILE A 280 -35.02 23.27 -33.99
CA ILE A 280 -35.15 23.31 -32.53
C ILE A 280 -35.39 24.71 -32.02
N ASN A 281 -35.06 25.74 -32.80
CA ASN A 281 -35.33 27.11 -32.41
C ASN A 281 -36.67 27.62 -32.94
N LYS A 282 -37.51 26.73 -33.46
CA LYS A 282 -38.85 27.04 -33.95
C LYS A 282 -38.85 28.08 -35.07
N ARG A 283 -37.73 28.27 -35.76
CA ARG A 283 -37.65 29.20 -36.88
C ARG A 283 -37.46 28.50 -38.22
N ASP A 284 -37.59 27.18 -38.26
CA ASP A 284 -37.47 26.43 -39.51
C ASP A 284 -38.66 26.73 -40.44
N GLY A 285 -38.45 26.41 -41.72
CA GLY A 285 -39.40 26.85 -42.74
C GLY A 285 -40.77 26.19 -42.61
N ALA A 286 -40.81 24.89 -42.28
CA ALA A 286 -42.08 24.20 -42.25
C ALA A 286 -42.90 24.57 -41.02
N TYR A 287 -42.26 24.98 -39.92
CA TYR A 287 -43.01 25.40 -38.74
C TYR A 287 -43.68 26.74 -38.96
N ILE A 288 -43.04 27.62 -39.73
CA ILE A 288 -43.58 28.96 -39.96
C ILE A 288 -44.91 28.88 -40.68
N GLU A 289 -44.90 28.33 -41.90
CA GLU A 289 -46.11 28.30 -42.72
C GLU A 289 -47.11 27.25 -42.28
N LEU A 290 -46.82 26.47 -41.24
CA LEU A 290 -47.79 25.54 -40.69
C LEU A 290 -48.38 26.01 -39.37
N CYS A 291 -47.68 26.88 -38.64
CA CYS A 291 -48.05 27.21 -37.27
C CYS A 291 -48.08 28.70 -36.93
N VAL A 292 -47.44 29.57 -37.71
CA VAL A 292 -47.37 31.00 -37.39
C VAL A 292 -48.41 31.76 -38.20
N CYS A 293 -49.21 32.58 -37.51
CA CYS A 293 -50.25 33.36 -38.18
C CYS A 293 -49.63 34.37 -39.13
N SER A 294 -48.89 35.33 -38.59
CA SER A 294 -48.18 36.35 -39.36
C SER A 294 -49.11 37.10 -40.32
N GLN B 19 -33.16 -16.19 -17.95
CA GLN B 19 -33.49 -17.53 -18.44
C GLN B 19 -32.43 -18.08 -19.42
N LEU B 20 -31.29 -17.39 -19.50
CA LEU B 20 -30.16 -17.86 -20.30
C LEU B 20 -29.40 -18.95 -19.57
N ASP B 21 -28.80 -19.86 -20.34
CA ASP B 21 -27.86 -20.84 -19.78
C ASP B 21 -26.55 -20.09 -19.53
N PHE B 22 -26.36 -19.65 -18.28
CA PHE B 22 -25.25 -18.74 -18.01
C PHE B 22 -23.91 -19.44 -18.10
N GLU B 23 -23.87 -20.75 -17.97
CA GLU B 23 -22.58 -21.40 -18.20
C GLU B 23 -22.22 -21.34 -19.67
N ASP B 24 -23.19 -21.48 -20.56
CA ASP B 24 -22.92 -21.33 -21.98
C ASP B 24 -22.49 -19.90 -22.33
N VAL B 25 -23.12 -18.90 -21.71
CA VAL B 25 -22.72 -17.52 -21.94
C VAL B 25 -21.24 -17.35 -21.64
N TRP B 26 -20.81 -17.87 -20.49
CA TRP B 26 -19.42 -17.73 -20.05
C TRP B 26 -18.45 -18.37 -21.05
N ASN B 27 -18.69 -19.65 -21.38
CA ASN B 27 -17.87 -20.36 -22.36
C ASN B 27 -17.88 -19.69 -23.73
N SER B 28 -18.97 -19.00 -24.09
CA SER B 28 -19.08 -18.35 -25.39
C SER B 28 -18.32 -17.05 -25.47
N SER B 29 -18.02 -16.42 -24.34
CA SER B 29 -17.49 -15.07 -24.38
C SER B 29 -16.02 -15.02 -24.76
N TYR B 30 -15.31 -16.15 -24.77
CA TYR B 30 -13.91 -16.07 -25.17
C TYR B 30 -13.42 -17.41 -25.69
N GLY B 31 -12.47 -17.31 -26.61
CA GLY B 31 -11.81 -18.46 -27.22
C GLY B 31 -12.66 -19.29 -28.15
N VAL B 32 -13.92 -18.92 -28.36
CA VAL B 32 -14.84 -19.74 -29.16
C VAL B 32 -14.29 -19.85 -30.57
N ASN B 33 -14.27 -18.74 -31.32
CA ASN B 33 -13.60 -18.67 -32.61
C ASN B 33 -14.28 -19.55 -33.66
N ASP B 34 -15.47 -19.17 -34.10
CA ASP B 34 -16.04 -19.71 -35.32
C ASP B 34 -16.08 -18.65 -36.39
N SER B 35 -16.32 -19.09 -37.62
CA SER B 35 -16.22 -18.23 -38.79
C SER B 35 -17.62 -18.01 -39.35
N PHE B 36 -18.25 -16.98 -38.92
CA PHE B 36 -19.38 -16.30 -39.48
C PHE B 36 -18.92 -15.13 -40.34
N PRO B 37 -19.68 -14.75 -41.36
CA PRO B 37 -19.25 -13.67 -42.26
C PRO B 37 -19.78 -12.30 -41.85
N ASP B 38 -19.16 -11.27 -42.43
CA ASP B 38 -19.59 -9.91 -42.16
C ASP B 38 -20.91 -9.66 -42.85
N GLY B 39 -21.75 -8.88 -42.17
CA GLY B 39 -23.03 -8.50 -42.78
C GLY B 39 -23.03 -7.01 -43.05
N ASP B 40 -23.85 -6.57 -44.01
CA ASP B 40 -23.96 -5.13 -44.31
C ASP B 40 -24.80 -4.49 -43.21
N ASP B 42 -27.04 -2.49 -43.07
CA ASP B 42 -28.47 -2.16 -43.34
C ASP B 42 -29.30 -3.44 -43.37
N ALA B 43 -28.65 -4.56 -43.09
CA ALA B 43 -29.35 -5.86 -43.09
C ALA B 43 -30.39 -5.88 -41.97
N ASN B 44 -31.25 -6.89 -41.99
CA ASN B 44 -32.35 -6.98 -41.03
C ASN B 44 -32.86 -8.42 -41.01
N LEU B 45 -32.51 -9.13 -39.93
CA LEU B 45 -32.91 -10.55 -39.81
C LEU B 45 -33.88 -10.73 -38.63
N GLU B 46 -34.17 -11.99 -38.32
CA GLU B 46 -35.15 -12.25 -37.23
C GLU B 46 -34.64 -13.34 -36.30
N ALA B 47 -35.02 -13.27 -35.02
CA ALA B 47 -34.59 -14.23 -33.99
C ALA B 47 -34.57 -15.70 -34.47
N GLU C 1 4.61 -17.28 -3.92
CA GLU C 1 4.40 -16.53 -2.68
C GLU C 1 4.73 -15.05 -2.87
N VAL C 2 3.97 -14.18 -2.19
CA VAL C 2 4.12 -12.74 -2.37
C VAL C 2 5.29 -12.26 -1.52
N GLN C 3 6.26 -11.62 -2.17
CA GLN C 3 7.54 -11.35 -1.53
C GLN C 3 8.17 -10.06 -2.02
N LEU C 4 8.84 -9.37 -1.09
CA LEU C 4 9.83 -8.34 -1.41
C LEU C 4 11.21 -8.82 -0.92
N VAL C 5 12.19 -8.84 -1.81
CA VAL C 5 13.56 -9.25 -1.47
C VAL C 5 14.51 -8.08 -1.73
N GLN C 6 15.13 -7.57 -0.67
CA GLN C 6 16.08 -6.47 -0.78
C GLN C 6 17.50 -7.01 -0.98
N SER C 7 18.37 -6.16 -1.55
CA SER C 7 19.77 -6.53 -1.78
C SER C 7 20.55 -6.60 -0.46
N GLY C 8 21.78 -7.13 -0.55
CA GLY C 8 22.55 -7.45 0.64
C GLY C 8 23.12 -6.23 1.35
N ALA C 9 23.54 -6.47 2.59
CA ALA C 9 24.17 -5.44 3.41
C ALA C 9 25.31 -4.75 2.64
N GLU C 10 25.51 -3.46 2.95
CA GLU C 10 26.46 -2.61 2.25
C GLU C 10 27.36 -1.91 3.26
N VAL C 11 28.67 -1.93 3.01
CA VAL C 11 29.66 -1.19 3.79
C VAL C 11 30.41 -0.28 2.84
N LYS C 12 30.30 1.04 3.08
CA LYS C 12 30.82 2.03 2.16
C LYS C 12 31.58 3.10 2.93
N LYS C 13 32.45 3.86 2.18
CA LYS C 13 33.22 5.01 2.64
C LYS C 13 32.45 6.30 2.42
N PRO C 14 32.66 7.30 3.26
CA PRO C 14 32.02 8.61 3.03
C PRO C 14 32.34 9.11 1.63
N GLY C 15 31.31 9.62 0.96
CA GLY C 15 31.46 10.21 -0.36
C GLY C 15 31.17 9.27 -1.53
N GLU C 16 31.10 7.95 -1.30
CA GLU C 16 30.72 7.02 -2.34
C GLU C 16 29.22 7.16 -2.67
N SER C 17 28.87 6.81 -3.91
CA SER C 17 27.47 6.66 -4.27
C SER C 17 27.01 5.23 -3.98
N LEU C 18 25.68 5.05 -3.89
CA LEU C 18 25.14 3.74 -3.56
C LEU C 18 23.68 3.63 -3.97
N LYS C 19 23.30 2.49 -4.54
CA LYS C 19 21.93 2.20 -4.92
C LYS C 19 21.56 0.83 -4.36
N ILE C 20 20.55 0.79 -3.49
CA ILE C 20 20.02 -0.47 -3.01
C ILE C 20 18.67 -0.72 -3.66
N SER C 21 18.30 -1.99 -3.76
CA SER C 21 17.17 -2.34 -4.58
C SER C 21 16.31 -3.36 -3.86
N CYS C 22 15.10 -3.53 -4.39
CA CYS C 22 14.06 -4.31 -3.72
C CYS C 22 13.23 -4.94 -4.82
N LYS C 23 13.20 -6.27 -4.90
CA LYS C 23 12.58 -6.98 -6.02
C LYS C 23 11.27 -7.62 -5.58
N GLY C 24 10.19 -7.31 -6.31
CA GLY C 24 8.88 -7.88 -6.00
C GLY C 24 8.61 -9.16 -6.78
N SER C 25 7.85 -10.06 -6.17
CA SER C 25 7.48 -11.30 -6.84
C SER C 25 6.16 -11.81 -6.28
N GLY C 26 5.42 -12.53 -7.12
CA GLY C 26 4.17 -13.11 -6.70
C GLY C 26 2.98 -12.18 -6.76
N TYR C 27 3.12 -10.99 -7.37
CA TYR C 27 1.98 -10.10 -7.56
C TYR C 27 2.28 -9.19 -8.75
N SER C 28 1.27 -8.46 -9.18
CA SER C 28 1.44 -7.51 -10.28
C SER C 28 2.21 -6.31 -9.78
N PHE C 29 3.51 -6.28 -10.07
CA PHE C 29 4.37 -5.25 -9.48
C PHE C 29 3.92 -3.84 -9.86
N THR C 30 3.47 -3.64 -11.10
CA THR C 30 3.10 -2.31 -11.57
C THR C 30 1.80 -1.79 -11.01
N ASP C 31 1.08 -2.57 -10.22
CA ASP C 31 -0.20 -2.13 -9.70
C ASP C 31 -0.12 -1.53 -8.29
N TYR C 32 1.05 -1.52 -7.64
CA TYR C 32 1.11 -1.12 -6.24
C TYR C 32 2.17 -0.04 -5.98
N TRP C 33 1.89 0.81 -5.00
CA TRP C 33 2.90 1.73 -4.47
C TRP C 33 3.90 0.96 -3.63
N ILE C 34 5.19 1.32 -3.73
CA ILE C 34 6.27 0.76 -2.92
C ILE C 34 6.84 1.88 -2.06
N GLY C 35 6.86 1.67 -0.74
CA GLY C 35 7.43 2.64 0.17
C GLY C 35 8.84 2.27 0.62
N TRP C 36 9.56 3.26 1.14
CA TRP C 36 10.91 3.11 1.68
C TRP C 36 10.95 3.72 3.08
N VAL C 37 11.60 3.03 4.00
CA VAL C 37 11.52 3.38 5.42
C VAL C 37 12.92 3.23 6.02
N ARG C 38 13.36 4.23 6.78
CA ARG C 38 14.66 4.20 7.45
C ARG C 38 14.50 3.91 8.94
N GLN C 39 15.42 3.14 9.49
CA GLN C 39 15.48 2.88 10.93
C GLN C 39 16.94 3.01 11.38
N MET C 40 17.26 4.10 12.09
CA MET C 40 18.58 4.22 12.69
C MET C 40 18.79 3.13 13.75
N PRO C 41 20.06 2.73 13.99
CA PRO C 41 20.30 1.72 15.04
C PRO C 41 19.67 2.13 16.35
N GLY C 42 18.75 1.32 16.86
CA GLY C 42 18.08 1.57 18.13
C GLY C 42 16.94 2.57 18.11
N LYS C 43 16.62 3.18 16.96
CA LYS C 43 15.55 4.15 16.88
C LYS C 43 14.31 3.56 16.18
N GLY C 44 13.36 4.42 15.83
CA GLY C 44 12.10 3.99 15.25
C GLY C 44 12.04 4.07 13.73
N LEU C 45 10.82 4.03 13.19
CA LEU C 45 10.61 3.98 11.76
C LEU C 45 10.38 5.37 11.19
N GLU C 46 11.09 5.70 10.13
CA GLU C 46 10.99 6.98 9.45
C GLU C 46 10.53 6.72 8.03
N TRP C 47 9.33 7.19 7.67
CA TRP C 47 8.94 7.12 6.28
C TRP C 47 9.84 8.05 5.47
N MET C 48 10.42 7.51 4.39
CA MET C 48 11.25 8.33 3.49
C MET C 48 10.51 8.81 2.26
N GLY C 49 9.68 7.97 1.64
CA GLY C 49 9.09 8.28 0.35
C GLY C 49 8.43 7.05 -0.22
N ILE C 50 7.76 7.24 -1.35
CA ILE C 50 6.94 6.18 -1.93
C ILE C 50 6.88 6.39 -3.44
N ILE C 51 6.75 5.29 -4.18
CA ILE C 51 6.72 5.33 -5.64
C ILE C 51 5.66 4.35 -6.14
N TYR C 52 4.94 4.77 -7.17
CA TYR C 52 3.98 3.91 -7.85
C TYR C 52 4.71 3.22 -9.01
N ALA C 53 4.85 1.90 -8.91
CA ALA C 53 5.72 1.21 -9.86
C ALA C 53 5.20 1.35 -11.29
N GLY C 54 3.89 1.52 -11.47
CA GLY C 54 3.33 1.50 -12.81
C GLY C 54 3.74 2.67 -13.67
N ASP C 55 3.89 3.86 -13.07
CA ASP C 55 4.27 5.05 -13.83
C ASP C 55 5.35 5.91 -13.16
N SER C 56 5.90 5.49 -12.03
CA SER C 56 7.03 6.14 -11.37
C SER C 56 6.67 7.46 -10.71
N ASP C 57 5.39 7.73 -10.49
CA ASP C 57 4.99 8.81 -9.59
C ASP C 57 5.66 8.61 -8.24
N THR C 58 6.34 9.65 -7.74
CA THR C 58 7.23 9.58 -6.59
C THR C 58 6.96 10.71 -5.60
N ARG C 59 6.75 10.37 -4.33
CA ARG C 59 6.59 11.35 -3.27
C ARG C 59 7.66 11.11 -2.21
N TYR C 60 8.22 12.18 -1.68
CA TYR C 60 9.22 12.11 -0.62
C TYR C 60 8.71 12.77 0.64
N SER C 61 9.13 12.26 1.78
CA SER C 61 8.98 13.01 3.01
C SER C 61 9.75 14.34 2.91
N PRO C 62 9.25 15.42 3.51
CA PRO C 62 10.05 16.65 3.58
C PRO C 62 11.48 16.41 4.05
N SER C 63 11.67 15.52 5.03
CA SER C 63 12.99 15.31 5.61
C SER C 63 13.94 14.55 4.70
N PHE C 64 13.45 13.98 3.62
CA PHE C 64 14.28 13.23 2.71
C PHE C 64 14.27 13.79 1.30
N GLN C 65 13.38 14.73 1.01
CA GLN C 65 13.35 15.42 -0.27
C GLN C 65 14.72 16.00 -0.58
N GLY C 66 15.26 15.66 -1.75
CA GLY C 66 16.54 16.16 -2.17
C GLY C 66 17.74 15.46 -1.56
N GLN C 67 17.55 14.61 -0.54
CA GLN C 67 18.64 13.85 0.07
C GLN C 67 18.88 12.49 -0.59
N VAL C 68 17.98 12.03 -1.45
CA VAL C 68 17.97 10.64 -1.88
C VAL C 68 17.00 10.52 -3.04
N THR C 69 17.18 9.49 -3.86
CA THR C 69 16.39 9.33 -5.08
C THR C 69 15.74 7.95 -5.07
N ILE C 70 14.41 7.93 -5.09
CA ILE C 70 13.64 6.71 -5.19
C ILE C 70 13.26 6.52 -6.66
N SER C 71 13.37 5.29 -7.14
CA SER C 71 13.10 5.01 -8.55
C SER C 71 12.60 3.58 -8.67
N ALA C 72 12.26 3.18 -9.90
CA ALA C 72 11.66 1.86 -10.13
C ALA C 72 11.91 1.41 -11.55
N ASP C 73 11.96 0.09 -11.75
CA ASP C 73 12.10 -0.53 -13.07
C ASP C 73 11.07 -1.66 -13.21
N LYS C 74 9.96 -1.40 -13.92
CA LYS C 74 8.89 -2.38 -14.01
C LYS C 74 9.37 -3.65 -14.70
N SER C 75 10.18 -3.51 -15.75
CA SER C 75 10.62 -4.67 -16.52
C SER C 75 11.32 -5.72 -15.67
N ILE C 76 11.87 -5.34 -14.52
CA ILE C 76 12.50 -6.29 -13.60
C ILE C 76 11.87 -6.21 -12.21
N SER C 77 10.70 -5.57 -12.10
CA SER C 77 9.93 -5.53 -10.84
C SER C 77 10.80 -5.12 -9.66
N THR C 78 11.48 -3.99 -9.81
CA THR C 78 12.44 -3.54 -8.80
C THR C 78 12.18 -2.08 -8.46
N ALA C 79 12.23 -1.78 -7.17
CA ALA C 79 12.26 -0.41 -6.68
C ALA C 79 13.62 -0.15 -6.05
N SER C 80 14.07 1.11 -6.09
CA SER C 80 15.43 1.43 -5.69
C SER C 80 15.46 2.68 -4.85
N LEU C 81 16.55 2.80 -4.10
CA LEU C 81 16.85 3.95 -3.26
C LEU C 81 18.32 4.25 -3.47
N GLN C 82 18.66 5.49 -3.83
CA GLN C 82 20.07 5.75 -4.10
C GLN C 82 20.49 7.10 -3.55
N TRP C 83 21.76 7.14 -3.13
CA TRP C 83 22.46 8.33 -2.66
C TRP C 83 23.60 8.64 -3.63
N SER C 84 23.79 9.93 -3.93
CA SER C 84 24.94 10.31 -4.74
C SER C 84 26.24 10.43 -3.93
N SER C 85 26.17 10.64 -2.61
CA SER C 85 27.40 10.79 -1.83
C SER C 85 27.09 10.55 -0.36
N LEU C 86 27.48 9.39 0.13
CA LEU C 86 27.07 8.92 1.45
C LEU C 86 27.78 9.68 2.57
N LYS C 87 27.09 9.80 3.70
CA LYS C 87 27.59 10.34 4.94
C LYS C 87 27.54 9.24 5.99
N ALA C 88 28.33 9.41 7.06
CA ALA C 88 28.24 8.46 8.16
C ALA C 88 26.85 8.49 8.80
N SER C 89 26.15 9.62 8.71
CA SER C 89 24.83 9.68 9.31
C SER C 89 23.79 8.86 8.56
N ASP C 90 24.13 8.36 7.36
CA ASP C 90 23.25 7.47 6.62
C ASP C 90 23.30 6.03 7.12
N THR C 91 24.19 5.73 8.08
CA THR C 91 24.25 4.38 8.60
C THR C 91 22.92 4.03 9.27
N ALA C 92 22.27 2.98 8.79
CA ALA C 92 20.89 2.69 9.18
C ALA C 92 20.43 1.46 8.41
N MET C 93 19.39 0.82 8.95
CA MET C 93 18.64 -0.20 8.23
C MET C 93 17.57 0.44 7.35
N TYR C 94 17.41 -0.10 6.14
CA TYR C 94 16.48 0.42 5.14
C TYR C 94 15.51 -0.67 4.70
N TYR C 95 14.21 -0.39 4.84
CA TYR C 95 13.14 -1.31 4.45
C TYR C 95 12.39 -0.79 3.22
N CYS C 96 12.07 -1.70 2.30
CA CYS C 96 11.01 -1.43 1.33
C CYS C 96 9.75 -2.20 1.76
N ALA C 97 8.61 -1.73 1.28
CA ALA C 97 7.37 -2.33 1.72
C ALA C 97 6.27 -1.99 0.71
N ARG C 98 5.37 -2.95 0.51
CA ARG C 98 4.25 -2.77 -0.39
C ARG C 98 3.07 -2.15 0.34
N LEU C 99 2.48 -1.13 -0.26
CA LEU C 99 1.26 -0.54 0.25
C LEU C 99 0.08 -1.23 -0.43
N ALA C 100 -0.84 -1.77 0.36
CA ALA C 100 -2.03 -2.42 -0.19
C ALA C 100 -3.26 -1.95 0.58
N TYR C 101 -4.45 -2.35 0.12
CA TYR C 101 -5.71 -1.85 0.68
C TYR C 101 -6.56 -2.99 1.25
N ASP C 102 -7.41 -2.64 2.23
CA ASP C 102 -8.28 -3.61 2.91
C ASP C 102 -9.41 -4.09 1.98
N SER C 103 -10.27 -4.98 2.51
CA SER C 103 -11.38 -5.53 1.73
C SER C 103 -12.39 -4.48 1.24
N SER C 104 -12.47 -3.32 1.90
CA SER C 104 -13.32 -2.23 1.42
C SER C 104 -12.64 -1.32 0.41
N GLY C 105 -11.31 -1.37 0.33
CA GLY C 105 -10.56 -0.54 -0.60
C GLY C 105 -10.23 0.86 -0.13
N TYR C 106 -10.67 1.26 1.08
CA TYR C 106 -10.39 2.61 1.59
C TYR C 106 -9.19 2.68 2.53
N TYR C 107 -8.81 1.58 3.17
CA TYR C 107 -7.79 1.58 4.23
C TYR C 107 -6.49 0.99 3.71
N TYR C 108 -5.45 1.81 3.66
CA TYR C 108 -4.14 1.40 3.17
C TYR C 108 -3.19 1.15 4.34
N ALA C 109 -2.28 0.21 4.13
CA ALA C 109 -1.29 -0.19 5.11
C ALA C 109 -0.15 -0.88 4.36
N PHE C 110 0.99 -1.02 5.04
CA PHE C 110 2.16 -1.71 4.51
C PHE C 110 2.05 -3.16 4.92
N ASP C 111 1.80 -4.05 3.95
CA ASP C 111 1.49 -5.43 4.31
C ASP C 111 2.63 -6.39 3.99
N ILE C 112 3.33 -6.23 2.88
CA ILE C 112 4.51 -7.03 2.56
C ILE C 112 5.76 -6.16 2.79
N TRP C 113 6.71 -6.67 3.57
CA TRP C 113 7.96 -5.97 3.86
C TRP C 113 9.18 -6.74 3.34
N GLY C 114 10.15 -6.04 2.78
CA GLY C 114 11.45 -6.64 2.55
C GLY C 114 12.15 -6.94 3.86
N GLN C 115 13.18 -7.80 3.80
CA GLN C 115 13.94 -8.14 5.00
C GLN C 115 14.87 -7.02 5.48
N GLY C 116 15.01 -5.93 4.73
CA GLY C 116 15.87 -4.85 5.16
C GLY C 116 17.28 -4.95 4.60
N THR C 117 17.84 -3.82 4.17
CA THR C 117 19.25 -3.72 3.79
C THR C 117 19.96 -2.85 4.81
N MET C 118 20.97 -3.41 5.48
CA MET C 118 21.83 -2.60 6.34
C MET C 118 22.89 -1.86 5.52
N VAL C 119 22.98 -0.55 5.69
CA VAL C 119 24.01 0.28 5.09
C VAL C 119 24.85 0.89 6.20
N THR C 120 26.15 0.56 6.18
CA THR C 120 27.14 1.13 7.11
C THR C 120 28.11 2.02 6.34
N VAL C 121 28.26 3.27 6.79
CA VAL C 121 29.12 4.24 6.13
C VAL C 121 30.20 4.67 7.11
N SER C 122 31.45 4.38 6.78
CA SER C 122 32.60 4.66 7.64
C SER C 122 33.85 4.81 6.80
N SER C 123 34.78 5.65 7.28
CA SER C 123 36.07 5.77 6.63
C SER C 123 37.06 4.73 7.11
N ALA C 124 36.63 3.76 7.93
CA ALA C 124 37.45 2.62 8.32
C ALA C 124 37.54 1.60 7.20
N SER C 125 38.57 0.76 7.25
CA SER C 125 38.70 -0.31 6.27
C SER C 125 38.75 -1.64 7.00
N THR C 126 38.47 -2.71 6.25
CA THR C 126 38.42 -4.06 6.82
C THR C 126 39.67 -4.36 7.64
N LYS C 127 39.46 -4.88 8.85
CA LYS C 127 40.56 -5.23 9.73
C LYS C 127 40.08 -6.29 10.71
N GLY C 128 40.86 -7.37 10.81
CA GLY C 128 40.56 -8.42 11.76
C GLY C 128 40.98 -8.07 13.18
N PRO C 129 40.31 -8.69 14.14
CA PRO C 129 40.51 -8.33 15.55
C PRO C 129 41.71 -9.01 16.17
N SER C 130 42.17 -8.42 17.27
CA SER C 130 43.02 -9.11 18.23
C SER C 130 42.11 -9.72 19.29
N VAL C 131 42.45 -10.92 19.77
CA VAL C 131 41.67 -11.56 20.83
C VAL C 131 42.54 -11.70 22.06
N PHE C 132 42.11 -11.08 23.15
CA PHE C 132 42.82 -11.19 24.42
C PHE C 132 41.99 -11.96 25.44
N PRO C 133 42.62 -12.73 26.31
CA PRO C 133 41.86 -13.45 27.36
C PRO C 133 41.44 -12.53 28.50
N LEU C 134 40.24 -12.79 29.03
CA LEU C 134 39.81 -12.25 30.34
C LEU C 134 39.97 -13.39 31.34
N ALA C 135 41.13 -13.50 31.94
CA ALA C 135 41.42 -14.67 32.76
C ALA C 135 40.63 -14.63 34.06
N PRO C 136 40.16 -15.79 34.55
CA PRO C 136 39.51 -15.83 35.87
C PRO C 136 40.55 -15.83 36.96
N SER C 137 40.17 -15.28 38.12
CA SER C 137 41.06 -15.21 39.27
C SER C 137 40.22 -15.21 40.53
N SER C 138 40.87 -15.07 41.69
CA SER C 138 40.11 -14.92 42.93
C SER C 138 39.28 -13.64 42.94
N LYS C 139 39.68 -12.62 42.18
CA LYS C 139 38.97 -11.34 42.11
C LYS C 139 37.89 -11.33 41.02
N SER C 140 37.69 -12.45 40.34
CA SER C 140 36.55 -12.63 39.45
C SER C 140 35.69 -13.79 39.95
N THR C 141 35.57 -13.93 41.28
CA THR C 141 34.74 -14.98 41.87
C THR C 141 33.78 -14.38 42.88
N SER C 142 32.51 -14.76 42.78
CA SER C 142 31.55 -14.58 43.85
C SER C 142 30.90 -15.92 44.14
N GLY C 143 30.80 -16.28 45.41
CA GLY C 143 30.30 -17.62 45.73
C GLY C 143 31.29 -18.66 45.25
N GLY C 144 30.76 -19.71 44.62
CA GLY C 144 31.65 -20.65 43.94
C GLY C 144 31.51 -20.53 42.44
N THR C 145 31.31 -19.31 41.96
CA THR C 145 31.17 -18.99 40.53
C THR C 145 32.32 -18.10 40.08
N ALA C 146 32.97 -18.47 38.98
CA ALA C 146 34.06 -17.69 38.43
C ALA C 146 33.63 -17.15 37.08
N ALA C 147 34.10 -15.95 36.75
CA ALA C 147 33.82 -15.38 35.45
C ALA C 147 35.11 -15.33 34.63
N LEU C 148 35.01 -15.67 33.35
CA LEU C 148 36.12 -15.51 32.42
C LEU C 148 35.56 -15.06 31.08
N GLY C 149 36.44 -14.58 30.21
CA GLY C 149 35.92 -14.10 28.94
C GLY C 149 36.97 -13.90 27.90
N CYS C 150 36.54 -13.31 26.79
CA CYS C 150 37.41 -12.95 25.68
C CYS C 150 37.16 -11.51 25.32
N LEU C 151 38.23 -10.75 25.11
CA LEU C 151 38.13 -9.38 24.60
C LEU C 151 38.50 -9.41 23.12
N VAL C 152 37.53 -9.10 22.26
CA VAL C 152 37.72 -9.09 20.80
C VAL C 152 37.82 -7.63 20.39
N LYS C 153 39.03 -7.18 20.04
CA LYS C 153 39.35 -5.77 19.97
C LYS C 153 39.84 -5.35 18.58
N ASP C 154 39.31 -4.21 18.10
CA ASP C 154 39.85 -3.43 16.98
C ASP C 154 39.62 -4.08 15.63
N TYR C 155 38.35 -4.24 15.27
CA TYR C 155 37.99 -4.92 14.01
C TYR C 155 37.00 -4.08 13.20
N PHE C 156 36.83 -4.41 11.92
CA PHE C 156 35.88 -3.70 11.03
C PHE C 156 35.83 -4.51 9.73
N PRO C 157 34.66 -4.78 9.13
CA PRO C 157 33.38 -4.24 9.59
C PRO C 157 32.73 -4.89 10.82
N GLU C 158 31.49 -4.53 11.14
CA GLU C 158 30.82 -4.91 12.42
C GLU C 158 30.67 -6.40 12.74
N PRO C 159 30.18 -7.28 11.85
CA PRO C 159 29.90 -8.66 12.29
C PRO C 159 31.00 -9.62 12.76
N VAL C 160 31.14 -9.81 14.08
CA VAL C 160 32.01 -10.89 14.56
C VAL C 160 31.14 -11.82 15.41
N THR C 161 31.41 -13.13 15.35
CA THR C 161 30.68 -14.12 16.15
C THR C 161 31.59 -14.74 17.20
N VAL C 162 31.00 -15.10 18.34
CA VAL C 162 31.73 -15.75 19.43
C VAL C 162 30.95 -16.95 19.92
N SER C 163 31.57 -18.12 19.89
CA SER C 163 31.07 -19.28 20.60
C SER C 163 32.11 -19.70 21.64
N TRP C 164 31.68 -20.59 22.53
CA TRP C 164 32.57 -21.12 23.57
C TRP C 164 32.58 -22.64 23.43
N ASN C 165 33.79 -23.22 23.48
CA ASN C 165 33.96 -24.65 23.39
C ASN C 165 33.19 -25.19 22.18
N SER C 166 33.44 -24.54 21.04
CA SER C 166 32.88 -24.97 19.76
C SER C 166 31.37 -25.17 19.82
N GLY C 167 30.69 -24.49 20.75
CA GLY C 167 29.25 -24.55 20.86
C GLY C 167 28.71 -25.41 21.99
N ALA C 168 29.55 -26.24 22.61
CA ALA C 168 29.16 -27.08 23.73
C ALA C 168 28.95 -26.30 25.03
N LEU C 169 29.29 -25.01 25.07
CA LEU C 169 29.13 -24.20 26.27
C LEU C 169 28.26 -23.01 25.89
N THR C 170 27.01 -23.03 26.34
CA THR C 170 26.09 -21.94 26.03
C THR C 170 25.39 -21.36 27.24
N SER C 171 25.36 -22.06 28.36
CA SER C 171 24.68 -21.60 29.56
C SER C 171 25.54 -20.59 30.31
N GLY C 172 24.99 -19.41 30.56
CA GLY C 172 25.75 -18.38 31.24
C GLY C 172 26.73 -17.60 30.38
N VAL C 173 26.72 -17.81 29.07
CA VAL C 173 27.48 -16.99 28.14
C VAL C 173 26.75 -15.67 27.94
N HIS C 174 27.49 -14.54 27.98
CA HIS C 174 26.99 -13.25 27.51
C HIS C 174 27.99 -12.65 26.54
N THR C 175 27.54 -12.41 25.32
CA THR C 175 28.35 -11.75 24.30
C THR C 175 27.76 -10.36 24.07
N PHE C 176 28.52 -9.33 24.44
CA PHE C 176 27.92 -8.02 24.50
C PHE C 176 27.86 -7.40 23.10
N PRO C 177 27.02 -6.39 22.91
CA PRO C 177 27.10 -5.60 21.67
C PRO C 177 28.47 -4.95 21.51
N ALA C 178 28.89 -4.79 20.26
CA ALA C 178 30.13 -4.08 19.98
C ALA C 178 29.99 -2.62 20.34
N VAL C 179 31.07 -2.01 20.80
CA VAL C 179 31.11 -0.56 20.91
C VAL C 179 32.04 -0.05 19.81
N LEU C 180 31.71 1.14 19.30
CA LEU C 180 32.50 1.76 18.25
C LEU C 180 33.50 2.70 18.93
N GLN C 181 34.78 2.38 18.84
CA GLN C 181 35.80 3.22 19.44
C GLN C 181 36.05 4.46 18.59
N SER C 182 36.76 5.42 19.18
CA SER C 182 37.07 6.68 18.50
C SER C 182 37.97 6.49 17.28
N SER C 183 38.57 5.31 17.12
CA SER C 183 39.40 4.95 15.99
C SER C 183 38.60 4.59 14.75
N GLY C 184 37.28 4.41 14.89
CA GLY C 184 36.49 3.83 13.83
C GLY C 184 36.44 2.32 13.86
N LEU C 185 37.10 1.68 14.82
CA LEU C 185 37.14 0.23 14.93
C LEU C 185 36.23 -0.26 16.05
N TYR C 186 35.70 -1.47 15.91
CA TYR C 186 34.78 -2.01 16.90
C TYR C 186 35.53 -2.83 17.93
N SER C 187 34.87 -3.07 19.06
CA SER C 187 35.46 -3.90 20.13
C SER C 187 34.32 -4.52 20.92
N LEU C 188 34.32 -5.83 21.06
CA LEU C 188 33.28 -6.45 21.91
C LEU C 188 33.91 -7.36 22.95
N SER C 189 33.11 -7.77 23.92
CA SER C 189 33.58 -8.70 24.95
C SER C 189 32.57 -9.85 25.06
N SER C 190 33.05 -11.05 25.32
CA SER C 190 32.21 -12.20 25.54
C SER C 190 32.69 -12.85 26.82
N VAL C 191 31.77 -13.14 27.73
CA VAL C 191 32.10 -13.64 29.06
C VAL C 191 31.13 -14.76 29.38
N VAL C 192 31.58 -15.64 30.27
CA VAL C 192 30.75 -16.73 30.74
C VAL C 192 31.09 -16.97 32.20
N THR C 193 30.07 -17.24 33.00
CA THR C 193 30.27 -17.61 34.39
C THR C 193 30.22 -19.12 34.51
N VAL C 194 31.18 -19.66 35.26
CA VAL C 194 31.37 -21.10 35.36
C VAL C 194 31.60 -21.43 36.84
N PRO C 195 31.46 -22.70 37.21
CA PRO C 195 31.77 -23.07 38.60
C PRO C 195 33.27 -22.98 38.86
N SER C 196 33.63 -22.37 39.98
CA SER C 196 35.04 -22.11 40.20
C SER C 196 35.82 -23.40 40.35
N SER C 197 35.15 -24.49 40.71
CA SER C 197 35.82 -25.77 40.83
C SER C 197 36.11 -26.41 39.47
N SER C 198 35.46 -25.94 38.40
CA SER C 198 35.78 -26.47 37.08
C SER C 198 37.09 -25.92 36.52
N LEU C 199 37.74 -24.97 37.20
CA LEU C 199 38.96 -24.37 36.68
C LEU C 199 40.15 -25.28 36.91
N GLY C 200 40.99 -25.42 35.89
CA GLY C 200 42.08 -26.36 35.93
C GLY C 200 41.66 -27.79 35.67
N THR C 201 40.42 -28.01 35.30
CA THR C 201 39.83 -29.32 35.08
C THR C 201 39.06 -29.38 33.77
N GLN C 202 38.36 -28.31 33.42
CA GLN C 202 37.66 -28.17 32.16
C GLN C 202 38.28 -27.01 31.38
N THR C 203 38.45 -27.17 30.07
CA THR C 203 39.03 -26.06 29.32
C THR C 203 37.91 -25.16 28.81
N TYR C 204 38.26 -23.88 28.67
CA TYR C 204 37.35 -22.86 28.18
C TYR C 204 38.04 -22.17 27.02
N ILE C 205 37.47 -22.31 25.82
CA ILE C 205 38.09 -21.79 24.62
C ILE C 205 37.03 -21.00 23.89
N CYS C 206 37.29 -19.73 23.66
CA CYS C 206 36.37 -18.91 22.90
C CYS C 206 36.80 -18.96 21.44
N ASN C 207 35.81 -19.13 20.57
CA ASN C 207 36.03 -19.31 19.14
C ASN C 207 35.52 -18.05 18.47
N VAL C 208 36.44 -17.25 17.97
CA VAL C 208 36.13 -15.93 17.42
C VAL C 208 36.29 -16.00 15.92
N ASN C 209 35.27 -15.55 15.20
CA ASN C 209 35.34 -15.55 13.75
C ASN C 209 34.85 -14.20 13.23
N HIS C 210 35.65 -13.58 12.33
CA HIS C 210 35.33 -12.30 11.66
C HIS C 210 35.49 -12.56 10.16
N LYS C 211 34.40 -12.93 9.50
CA LYS C 211 34.41 -13.24 8.07
C LYS C 211 35.05 -12.17 7.19
N PRO C 212 34.72 -10.88 7.33
CA PRO C 212 35.25 -9.91 6.36
C PRO C 212 36.77 -9.88 6.28
N SER C 213 37.46 -10.25 7.35
CA SER C 213 38.91 -10.37 7.29
C SER C 213 39.37 -11.81 7.23
N ASN C 214 38.45 -12.78 7.22
CA ASN C 214 38.82 -14.19 7.23
C ASN C 214 39.73 -14.50 8.43
N THR C 215 39.41 -13.89 9.57
CA THR C 215 40.08 -14.17 10.82
C THR C 215 39.28 -15.21 11.59
N LYS C 216 39.99 -16.24 12.06
CA LYS C 216 39.40 -17.25 12.93
C LYS C 216 40.42 -17.50 14.03
N VAL C 217 40.00 -17.34 15.28
CA VAL C 217 40.89 -17.45 16.42
C VAL C 217 40.23 -18.31 17.48
N ASP C 218 40.99 -19.21 18.10
CA ASP C 218 40.50 -20.02 19.20
C ASP C 218 41.41 -19.72 20.39
N LYS C 219 40.93 -18.93 21.34
CA LYS C 219 41.77 -18.48 22.45
C LYS C 219 41.46 -19.31 23.70
N LYS C 220 42.47 -20.06 24.19
CA LYS C 220 42.36 -20.86 25.40
C LYS C 220 42.54 -19.93 26.60
N VAL C 221 41.50 -19.80 27.42
CA VAL C 221 41.51 -18.90 28.57
C VAL C 221 41.88 -19.68 29.82
N GLU C 222 43.00 -19.35 30.42
CA GLU C 222 43.47 -20.05 31.61
C GLU C 222 43.51 -19.09 32.78
N PRO C 223 43.47 -19.59 34.01
CA PRO C 223 43.83 -18.76 35.16
C PRO C 223 45.30 -18.40 35.08
N LYS C 224 45.66 -17.27 35.67
CA LYS C 224 47.05 -16.84 35.63
C LYS C 224 47.76 -17.25 36.92
N SER C 225 49.09 -17.30 36.86
CA SER C 225 49.90 -17.50 38.07
C SER C 225 50.76 -16.28 38.44
N ILE D 1 0.63 15.95 9.81
CA ILE D 1 -0.05 15.10 10.80
C ILE D 1 0.94 14.40 11.71
N VAL D 2 1.03 14.82 12.96
CA VAL D 2 2.04 14.29 13.88
C VAL D 2 1.39 13.23 14.76
N MET D 3 2.07 12.08 14.90
CA MET D 3 1.59 10.95 15.69
C MET D 3 2.46 10.81 16.94
N THR D 4 1.82 10.83 18.11
CA THR D 4 2.54 10.75 19.39
C THR D 4 2.12 9.49 20.12
N GLN D 5 3.06 8.58 20.31
CA GLN D 5 2.80 7.39 21.11
C GLN D 5 3.24 7.64 22.54
N SER D 6 2.62 6.90 23.46
CA SER D 6 2.98 6.99 24.87
C SER D 6 2.47 5.74 25.57
N PRO D 7 3.19 5.21 26.54
CA PRO D 7 4.51 5.67 27.02
C PRO D 7 5.56 5.28 26.00
N SER D 8 6.82 5.70 26.11
CA SER D 8 7.82 5.18 25.16
C SER D 8 8.27 3.77 25.54
N SER D 9 8.12 3.39 26.81
CA SER D 9 8.53 2.09 27.29
C SER D 9 7.58 1.63 28.38
N LEU D 10 7.41 0.32 28.51
CA LEU D 10 6.49 -0.22 29.50
C LEU D 10 7.02 -1.57 29.96
N SER D 11 7.03 -1.80 31.27
CA SER D 11 7.40 -3.09 31.82
C SER D 11 6.16 -3.82 32.27
N ALA D 12 6.07 -5.11 31.94
CA ALA D 12 4.96 -5.91 32.43
C ALA D 12 5.36 -7.38 32.39
N SER D 13 4.66 -8.18 33.16
CA SER D 13 4.95 -9.60 33.24
C SER D 13 3.99 -10.39 32.35
N VAL D 14 4.43 -11.56 31.91
CA VAL D 14 3.53 -12.49 31.23
C VAL D 14 2.27 -12.64 32.05
N GLY D 15 1.11 -12.51 31.39
CA GLY D 15 -0.19 -12.54 32.03
C GLY D 15 -0.84 -11.17 32.20
N ASP D 16 -0.04 -10.10 32.27
CA ASP D 16 -0.55 -8.75 32.48
C ASP D 16 -1.44 -8.31 31.31
N ARG D 17 -2.31 -7.34 31.58
CA ARG D 17 -3.01 -6.59 30.55
C ARG D 17 -2.29 -5.26 30.37
N VAL D 18 -2.09 -4.84 29.11
CA VAL D 18 -1.38 -3.60 28.83
C VAL D 18 -2.14 -2.80 27.78
N THR D 19 -1.95 -1.47 27.85
CA THR D 19 -2.62 -0.54 26.95
C THR D 19 -1.64 0.52 26.49
N ILE D 20 -1.58 0.73 25.18
CA ILE D 20 -0.67 1.66 24.52
C ILE D 20 -1.54 2.71 23.82
N THR D 21 -1.21 3.98 24.00
CA THR D 21 -1.99 4.99 23.33
C THR D 21 -1.19 5.62 22.20
N CYS D 22 -1.92 6.25 21.29
CA CYS D 22 -1.35 6.90 20.12
C CYS D 22 -2.26 8.07 19.82
N ARG D 23 -1.71 9.28 19.79
CA ARG D 23 -2.48 10.51 19.58
C ARG D 23 -2.14 11.14 18.22
N ALA D 24 -3.17 11.58 17.52
CA ALA D 24 -3.01 12.27 16.25
C ALA D 24 -3.21 13.77 16.43
N SER D 25 -2.40 14.56 15.72
CA SER D 25 -2.46 16.00 15.88
C SER D 25 -3.73 16.59 15.28
N GLN D 26 -4.41 15.84 14.41
CA GLN D 26 -5.71 16.24 13.87
C GLN D 26 -6.52 14.97 13.65
N THR D 27 -7.85 15.11 13.54
CA THR D 27 -8.70 13.93 13.41
C THR D 27 -8.40 13.18 12.12
N ILE D 28 -8.39 11.85 12.22
CA ILE D 28 -8.14 10.98 11.08
C ILE D 28 -9.15 9.83 11.03
N SER D 29 -10.24 9.95 11.78
CA SER D 29 -11.36 8.97 11.78
C SER D 29 -10.79 7.63 12.22
N SER D 30 -10.91 6.57 11.42
CA SER D 30 -10.35 5.27 11.77
C SER D 30 -9.14 4.90 10.91
N TYR D 31 -8.49 5.90 10.29
CA TYR D 31 -7.36 5.65 9.39
C TYR D 31 -6.06 5.56 10.20
N LEU D 32 -5.96 4.48 11.00
CA LEU D 32 -4.82 4.22 11.87
C LEU D 32 -4.45 2.74 11.82
N ASN D 33 -3.16 2.44 11.68
CA ASN D 33 -2.66 1.07 11.68
C ASN D 33 -1.67 0.89 12.83
N TRP D 34 -1.41 -0.37 13.16
CA TRP D 34 -0.44 -0.72 14.18
C TRP D 34 0.51 -1.79 13.63
N TYR D 35 1.81 -1.65 13.92
CA TYR D 35 2.80 -2.66 13.54
C TYR D 35 3.55 -3.16 14.76
N GLN D 36 3.96 -4.42 14.70
CA GLN D 36 4.81 -5.04 15.69
C GLN D 36 6.18 -5.29 15.07
N GLN D 37 7.23 -5.08 15.86
CA GLN D 37 8.59 -5.36 15.43
C GLN D 37 9.35 -5.92 16.61
N LYS D 38 9.91 -7.11 16.43
CA LYS D 38 10.83 -7.81 17.29
C LYS D 38 12.25 -7.57 16.82
N PRO D 39 13.24 -7.58 17.71
CA PRO D 39 14.58 -7.09 17.34
C PRO D 39 15.18 -7.86 16.17
N GLY D 40 15.82 -7.13 15.26
CA GLY D 40 16.36 -7.72 14.06
C GLY D 40 15.32 -8.27 13.10
N LYS D 41 14.06 -7.89 13.27
CA LYS D 41 13.00 -8.36 12.40
C LYS D 41 12.36 -7.16 11.70
N ALA D 42 11.76 -7.44 10.55
CA ALA D 42 10.98 -6.43 9.87
C ALA D 42 9.64 -6.22 10.60
N PRO D 43 9.13 -4.99 10.62
CA PRO D 43 7.78 -4.75 11.13
C PRO D 43 6.74 -5.65 10.47
N LYS D 44 5.71 -6.01 11.24
CA LYS D 44 4.57 -6.80 10.76
C LYS D 44 3.30 -6.03 10.99
N LEU D 45 2.49 -5.86 9.95
CA LEU D 45 1.15 -5.28 10.11
C LEU D 45 0.34 -6.12 11.09
N LEU D 46 -0.21 -5.46 12.11
CA LEU D 46 -0.94 -6.10 13.18
C LEU D 46 -2.41 -5.74 13.17
N ILE D 47 -2.71 -4.44 13.23
CA ILE D 47 -4.05 -3.92 13.18
C ILE D 47 -4.15 -2.85 12.09
N TYR D 48 -5.30 -2.77 11.45
CA TYR D 48 -5.56 -1.75 10.46
C TYR D 48 -6.99 -1.26 10.66
N ALA D 49 -7.29 -0.09 10.07
CA ALA D 49 -8.57 0.57 10.26
C ALA D 49 -8.90 0.72 11.74
N ALA D 50 -7.87 0.99 12.54
CA ALA D 50 -7.98 1.25 13.97
C ALA D 50 -8.27 -0.01 14.79
N SER D 51 -9.14 -0.93 14.30
CA SER D 51 -9.54 -2.05 15.14
C SER D 51 -9.66 -3.40 14.42
N SER D 52 -9.27 -3.52 13.16
CA SER D 52 -9.33 -4.82 12.48
C SER D 52 -8.02 -5.59 12.61
N LEU D 53 -8.11 -6.84 13.08
CA LEU D 53 -6.94 -7.70 13.15
C LEU D 53 -6.51 -8.21 11.77
N GLN D 54 -5.21 -8.18 11.52
CA GLN D 54 -4.65 -8.90 10.41
C GLN D 54 -4.80 -10.41 10.69
N SER D 55 -4.85 -11.21 9.62
CA SER D 55 -4.88 -12.66 9.77
C SER D 55 -3.73 -13.16 10.62
N GLY D 56 -3.99 -14.20 11.40
CA GLY D 56 -2.97 -14.80 12.23
C GLY D 56 -2.68 -14.06 13.51
N VAL D 57 -3.24 -12.86 13.70
CA VAL D 57 -3.03 -12.14 14.95
C VAL D 57 -3.95 -12.71 16.01
N PRO D 58 -3.42 -13.15 17.16
CA PRO D 58 -4.28 -13.71 18.19
C PRO D 58 -5.25 -12.68 18.74
N SER D 59 -6.39 -13.17 19.17
CA SER D 59 -7.52 -12.34 19.56
C SER D 59 -7.26 -11.50 20.81
N ARG D 60 -6.29 -11.89 21.65
CA ARG D 60 -5.94 -11.05 22.81
C ARG D 60 -5.44 -9.65 22.43
N PHE D 61 -5.10 -9.43 21.16
CA PHE D 61 -4.84 -8.09 20.63
C PHE D 61 -6.15 -7.44 20.23
N SER D 62 -6.32 -6.17 20.60
CA SER D 62 -7.45 -5.41 20.09
C SER D 62 -7.04 -3.95 19.94
N GLY D 63 -7.70 -3.26 19.03
CA GLY D 63 -7.42 -1.86 18.79
C GLY D 63 -8.69 -1.04 18.90
N SER D 64 -8.55 0.18 19.41
CA SER D 64 -9.70 1.00 19.74
C SER D 64 -9.47 2.45 19.34
N GLY D 65 -10.57 3.18 19.22
CA GLY D 65 -10.51 4.61 19.07
C GLY D 65 -10.88 5.06 17.66
N SER D 66 -11.21 6.34 17.56
CA SER D 66 -11.57 6.99 16.32
C SER D 66 -11.49 8.50 16.55
N GLY D 67 -10.91 9.22 15.58
CA GLY D 67 -10.63 10.64 15.75
C GLY D 67 -9.16 10.96 15.98
N THR D 68 -8.78 11.25 17.22
CA THR D 68 -7.38 11.56 17.51
C THR D 68 -6.75 10.69 18.59
N ASP D 69 -7.53 9.96 19.38
CA ASP D 69 -6.99 9.13 20.45
C ASP D 69 -7.27 7.65 20.17
N PHE D 70 -6.21 6.85 20.13
CA PHE D 70 -6.24 5.46 19.71
C PHE D 70 -5.49 4.61 20.71
N THR D 71 -5.90 3.36 20.82
CA THR D 71 -5.43 2.48 21.87
C THR D 71 -5.14 1.12 21.27
N LEU D 72 -4.08 0.48 21.74
CA LEU D 72 -3.79 -0.93 21.46
C LEU D 72 -3.78 -1.67 22.79
N THR D 73 -4.57 -2.73 22.89
CA THR D 73 -4.65 -3.47 24.14
C THR D 73 -4.23 -4.91 23.92
N ILE D 74 -3.44 -5.43 24.85
CA ILE D 74 -3.14 -6.86 24.92
C ILE D 74 -3.73 -7.38 26.22
N SER D 75 -4.79 -8.19 26.10
CA SER D 75 -5.56 -8.60 27.28
C SER D 75 -4.72 -9.44 28.23
N SER D 76 -3.89 -10.35 27.70
CA SER D 76 -2.97 -11.12 28.54
C SER D 76 -1.65 -11.30 27.80
N LEU D 77 -0.58 -10.64 28.27
CA LEU D 77 0.71 -10.70 27.60
C LEU D 77 1.29 -12.11 27.57
N GLN D 78 1.74 -12.51 26.40
CA GLN D 78 2.45 -13.75 26.13
C GLN D 78 3.93 -13.47 25.87
N PRO D 79 4.84 -14.42 26.14
CA PRO D 79 6.28 -14.14 25.95
C PRO D 79 6.60 -13.58 24.57
N GLU D 80 5.98 -14.12 23.53
CA GLU D 80 6.20 -13.62 22.16
C GLU D 80 5.67 -12.22 21.91
N ASP D 81 4.91 -11.62 22.85
CA ASP D 81 4.35 -10.30 22.62
C ASP D 81 5.29 -9.16 23.01
N PHE D 82 6.44 -9.47 23.63
CA PHE D 82 7.36 -8.42 24.03
C PHE D 82 8.14 -7.97 22.79
N ALA D 83 7.94 -6.71 22.42
CA ALA D 83 8.31 -6.19 21.10
C ALA D 83 8.10 -4.69 21.14
N THR D 84 8.31 -4.04 20.00
CA THR D 84 8.06 -2.62 19.85
C THR D 84 6.86 -2.43 18.93
N TYR D 85 5.99 -1.49 19.29
CA TYR D 85 4.71 -1.28 18.58
C TYR D 85 4.66 0.13 18.04
N TYR D 86 4.38 0.26 16.73
CA TYR D 86 4.31 1.54 16.05
C TYR D 86 2.91 1.79 15.50
N CYS D 87 2.40 3.00 15.68
CA CYS D 87 1.18 3.39 15.00
C CYS D 87 1.50 4.23 13.77
N GLN D 88 0.50 4.34 12.88
CA GLN D 88 0.75 4.87 11.55
C GLN D 88 -0.56 5.34 10.95
N GLN D 89 -0.67 6.64 10.69
CA GLN D 89 -1.88 7.19 10.12
C GLN D 89 -1.95 6.88 8.62
N SER D 90 -3.11 6.42 8.17
CA SER D 90 -3.35 6.09 6.77
C SER D 90 -4.33 7.06 6.13
N TYR D 91 -4.31 8.31 6.59
CA TYR D 91 -5.29 9.32 6.23
C TYR D 91 -4.90 10.16 5.02
N SER D 92 -3.62 10.17 4.65
CA SER D 92 -3.12 11.02 3.57
C SER D 92 -2.42 10.20 2.50
N THR D 93 -3.00 9.03 2.19
CA THR D 93 -2.53 8.06 1.20
C THR D 93 -2.02 8.78 -0.04
N PRO D 94 -0.81 8.49 -0.52
CA PRO D 94 0.18 7.59 0.04
C PRO D 94 1.27 8.32 0.85
N LEU D 95 1.05 9.55 1.34
CA LEU D 95 1.99 10.20 2.25
C LEU D 95 1.80 9.62 3.66
N ILE D 96 2.87 9.04 4.23
CA ILE D 96 2.80 8.22 5.45
C ILE D 96 3.44 8.97 6.63
N THR D 97 2.92 8.71 7.83
CA THR D 97 3.54 9.15 9.08
C THR D 97 3.46 8.04 10.12
N PHE D 98 4.58 7.76 10.80
CA PHE D 98 4.65 6.83 11.92
C PHE D 98 4.71 7.57 13.25
N GLY D 99 4.29 6.87 14.31
CA GLY D 99 4.61 7.26 15.67
C GLY D 99 6.02 6.82 16.00
N GLN D 100 6.47 7.15 17.21
CA GLN D 100 7.85 6.90 17.54
C GLN D 100 8.05 5.59 18.27
N GLY D 101 6.98 4.85 18.55
CA GLY D 101 7.16 3.51 19.07
C GLY D 101 7.00 3.44 20.58
N THR D 102 6.54 2.29 21.05
CA THR D 102 6.46 1.95 22.46
C THR D 102 7.07 0.58 22.62
N ARG D 103 8.04 0.45 23.51
CA ARG D 103 8.78 -0.79 23.67
C ARG D 103 8.26 -1.51 24.91
N LEU D 104 7.97 -2.80 24.75
CA LEU D 104 7.51 -3.64 25.86
C LEU D 104 8.68 -4.39 26.44
N GLU D 105 8.92 -4.18 27.73
CA GLU D 105 10.00 -4.78 28.50
C GLU D 105 9.40 -5.76 29.50
N ILE D 106 10.10 -6.85 29.77
CA ILE D 106 9.61 -7.83 30.74
C ILE D 106 9.94 -7.36 32.15
N LYS D 107 8.89 -6.99 32.90
CA LYS D 107 9.01 -6.69 34.32
C LYS D 107 9.38 -7.94 35.09
N ARG D 108 10.06 -7.75 36.21
CA ARG D 108 10.70 -8.83 36.94
C ARG D 108 11.12 -8.27 38.29
N THR D 109 11.35 -9.16 39.26
CA THR D 109 11.81 -8.71 40.56
C THR D 109 13.24 -8.17 40.50
N VAL D 110 13.57 -7.27 41.43
CA VAL D 110 14.89 -6.65 41.44
C VAL D 110 15.96 -7.69 41.71
N ALA D 111 17.01 -7.69 40.88
CA ALA D 111 18.18 -8.53 41.12
C ALA D 111 19.43 -7.66 41.12
N ALA D 112 20.25 -7.79 42.15
CA ALA D 112 21.47 -7.04 42.21
C ALA D 112 22.54 -7.67 41.32
N PRO D 113 23.40 -6.86 40.70
CA PRO D 113 24.44 -7.43 39.83
C PRO D 113 25.53 -8.10 40.64
N SER D 114 26.14 -9.12 40.05
CA SER D 114 27.43 -9.61 40.54
C SER D 114 28.51 -8.93 39.72
N VAL D 115 29.62 -8.56 40.37
CA VAL D 115 30.58 -7.63 39.82
C VAL D 115 31.97 -8.27 39.78
N PHE D 116 32.63 -8.18 38.64
CA PHE D 116 33.96 -8.73 38.45
C PHE D 116 34.78 -7.70 37.69
N ILE D 117 36.06 -7.57 38.06
CA ILE D 117 37.01 -6.69 37.37
C ILE D 117 38.12 -7.55 36.78
N PHE D 118 38.57 -7.19 35.58
CA PHE D 118 39.58 -7.96 34.84
C PHE D 118 40.73 -7.04 34.48
N PRO D 119 41.94 -7.28 34.97
CA PRO D 119 43.08 -6.45 34.55
C PRO D 119 43.37 -6.68 33.09
N PRO D 120 44.16 -5.80 32.45
CA PRO D 120 44.52 -6.04 31.05
C PRO D 120 45.45 -7.23 30.96
N SER D 121 45.33 -7.99 29.88
CA SER D 121 46.18 -9.16 29.69
C SER D 121 47.62 -8.74 29.40
N ASP D 122 48.57 -9.58 29.81
CA ASP D 122 49.97 -9.31 29.45
C ASP D 122 50.12 -9.30 27.94
N GLU D 123 49.38 -10.16 27.24
CA GLU D 123 49.39 -10.14 25.78
C GLU D 123 49.10 -8.74 25.26
N GLN D 124 48.06 -8.09 25.80
CA GLN D 124 47.66 -6.79 25.26
C GLN D 124 48.64 -5.69 25.63
N LEU D 125 49.17 -5.72 26.85
CA LEU D 125 50.18 -4.73 27.22
C LEU D 125 51.34 -4.74 26.23
N LYS D 126 51.67 -5.92 25.71
CA LYS D 126 52.70 -6.04 24.68
C LYS D 126 52.39 -5.15 23.48
N SER D 127 51.12 -5.09 23.06
CA SER D 127 50.70 -4.27 21.94
C SER D 127 50.79 -2.76 22.19
N GLY D 128 50.95 -2.34 23.45
CA GLY D 128 51.14 -0.92 23.75
C GLY D 128 49.93 -0.20 24.30
N THR D 129 48.88 -0.93 24.68
CA THR D 129 47.65 -0.32 25.17
C THR D 129 47.01 -1.26 26.20
N ALA D 130 46.14 -0.70 27.05
CA ALA D 130 45.61 -1.43 28.21
C ALA D 130 44.10 -1.23 28.33
N SER D 131 43.35 -2.32 28.35
CA SER D 131 41.91 -2.32 28.59
C SER D 131 41.61 -2.99 29.92
N VAL D 132 40.96 -2.28 30.83
CA VAL D 132 40.46 -2.85 32.07
C VAL D 132 38.96 -3.07 31.87
N VAL D 133 38.46 -4.26 32.18
CA VAL D 133 37.05 -4.58 31.95
C VAL D 133 36.35 -4.83 33.29
N CYS D 134 35.15 -4.26 33.42
CA CYS D 134 34.31 -4.38 34.59
C CYS D 134 32.97 -4.97 34.14
N LEU D 135 32.62 -6.12 34.70
CA LEU D 135 31.41 -6.85 34.29
C LEU D 135 30.37 -6.80 35.40
N LEU D 136 29.17 -6.37 35.05
CA LEU D 136 28.00 -6.39 35.92
C LEU D 136 27.09 -7.47 35.37
N ASN D 137 26.92 -8.57 36.10
CA ASN D 137 26.23 -9.73 35.57
C ASN D 137 24.85 -9.92 36.18
N ASN D 138 23.83 -10.00 35.32
CA ASN D 138 22.50 -10.55 35.61
C ASN D 138 21.76 -9.74 36.67
N PHE D 139 21.30 -8.56 36.24
CA PHE D 139 20.67 -7.61 37.15
C PHE D 139 19.40 -7.04 36.55
N TYR D 140 18.57 -6.46 37.42
CA TYR D 140 17.30 -5.87 37.03
C TYR D 140 16.89 -4.85 38.08
N PRO D 141 16.46 -3.64 37.68
CA PRO D 141 16.24 -3.17 36.30
C PRO D 141 17.51 -2.78 35.53
N ARG D 142 17.34 -2.25 34.32
CA ARG D 142 18.49 -1.98 33.46
C ARG D 142 19.32 -0.83 33.99
N GLU D 143 18.72 0.06 34.77
CA GLU D 143 19.41 1.25 35.24
C GLU D 143 20.56 0.89 36.16
N ALA D 144 21.77 1.24 35.76
CA ALA D 144 22.94 0.96 36.57
C ALA D 144 24.01 1.98 36.22
N LYS D 145 24.88 2.27 37.19
CA LYS D 145 25.92 3.28 37.02
C LYS D 145 27.28 2.67 37.36
N VAL D 146 28.24 2.83 36.45
CA VAL D 146 29.61 2.39 36.65
C VAL D 146 30.50 3.61 36.73
N GLN D 147 31.31 3.69 37.78
CA GLN D 147 32.31 4.74 37.95
C GLN D 147 33.70 4.12 38.00
N TRP D 148 34.59 4.60 37.14
CA TRP D 148 35.97 4.16 37.20
C TRP D 148 36.79 5.12 38.05
N LYS D 149 37.68 4.57 38.87
CA LYS D 149 38.65 5.34 39.64
C LYS D 149 40.05 4.73 39.49
N VAL D 150 41.02 5.54 39.07
CA VAL D 150 42.43 5.14 39.01
C VAL D 150 43.21 5.90 40.08
N ASP D 151 43.77 5.17 41.04
CA ASP D 151 44.33 5.72 42.28
C ASP D 151 43.41 6.82 42.83
N ASN D 152 42.15 6.42 43.06
CA ASN D 152 41.11 7.24 43.67
C ASN D 152 40.65 8.42 42.82
N ALA D 153 41.30 8.66 41.69
CA ALA D 153 40.91 9.74 40.79
C ALA D 153 39.83 9.23 39.86
N LEU D 154 38.70 9.94 39.81
CA LEU D 154 37.58 9.50 38.99
C LEU D 154 37.91 9.65 37.52
N GLN D 155 37.72 8.58 36.76
CA GLN D 155 37.97 8.62 35.34
C GLN D 155 36.79 9.21 34.61
N SER D 156 37.09 9.88 33.51
CA SER D 156 36.04 10.45 32.68
C SER D 156 36.50 10.53 31.25
N GLY D 157 35.62 10.11 30.34
CA GLY D 157 35.87 10.19 28.92
C GLY D 157 36.63 9.04 28.32
N ASN D 158 37.21 8.15 29.13
CA ASN D 158 38.04 7.06 28.63
C ASN D 158 37.43 5.68 28.88
N SER D 159 36.10 5.58 28.94
CA SER D 159 35.44 4.30 29.15
C SER D 159 34.25 4.20 28.22
N GLN D 160 33.82 2.96 27.94
CA GLN D 160 32.70 2.70 27.04
C GLN D 160 31.90 1.52 27.58
N GLU D 161 30.59 1.55 27.32
CA GLU D 161 29.62 0.69 27.97
C GLU D 161 28.75 -0.04 26.95
N SER D 162 28.31 -1.24 27.31
CA SER D 162 27.49 -2.07 26.44
C SER D 162 26.60 -2.96 27.30
N VAL D 163 25.34 -3.14 26.91
CA VAL D 163 24.37 -3.90 27.68
C VAL D 163 23.71 -4.96 26.82
N THR D 164 23.52 -6.15 27.36
CA THR D 164 22.86 -7.21 26.61
C THR D 164 21.36 -6.96 26.55
N GLU D 165 20.70 -7.74 25.68
CA GLU D 165 19.25 -7.92 25.72
C GLU D 165 18.84 -8.61 27.02
N GLN D 166 17.56 -8.48 27.36
CA GLN D 166 17.01 -9.27 28.47
C GLN D 166 17.22 -10.75 28.22
N ASP D 167 17.75 -11.44 29.22
CA ASP D 167 18.06 -12.86 29.09
C ASP D 167 16.78 -13.67 28.89
N SER D 168 16.83 -14.58 27.94
CA SER D 168 15.63 -15.33 27.55
C SER D 168 15.06 -16.12 28.72
N LYS D 169 15.91 -16.61 29.63
CA LYS D 169 15.48 -17.49 30.72
C LYS D 169 15.16 -16.75 32.02
N ASP D 170 15.95 -15.74 32.41
CA ASP D 170 15.70 -15.04 33.67
C ASP D 170 15.43 -13.55 33.53
N SER D 171 15.36 -13.00 32.31
CA SER D 171 14.95 -11.62 32.04
C SER D 171 15.92 -10.57 32.60
N THR D 172 17.13 -10.95 33.00
CA THR D 172 18.03 -9.93 33.53
C THR D 172 18.89 -9.32 32.44
N TYR D 173 19.59 -8.27 32.82
CA TYR D 173 20.54 -7.56 31.98
C TYR D 173 21.97 -7.88 32.44
N SER D 174 22.89 -7.75 31.52
CA SER D 174 24.30 -7.78 31.88
C SER D 174 24.99 -6.61 31.19
N LEU D 175 25.96 -6.03 31.88
CA LEU D 175 26.64 -4.84 31.40
C LEU D 175 28.14 -5.10 31.41
N SER D 176 28.83 -4.51 30.43
CA SER D 176 30.26 -4.64 30.32
C SER D 176 30.86 -3.27 29.99
N SER D 177 31.75 -2.79 30.87
CA SER D 177 32.35 -1.47 30.76
C SER D 177 33.87 -1.63 30.63
N THR D 178 34.46 -0.95 29.64
CA THR D 178 35.88 -1.06 29.33
C THR D 178 36.55 0.30 29.52
N LEU D 179 37.54 0.34 30.39
CA LEU D 179 38.40 1.50 30.56
C LEU D 179 39.65 1.34 29.69
N THR D 180 39.86 2.26 28.76
CA THR D 180 41.01 2.19 27.85
C THR D 180 42.07 3.20 28.25
N LEU D 181 43.28 2.72 28.54
CA LEU D 181 44.42 3.56 28.85
C LEU D 181 45.58 3.24 27.93
N SER D 182 46.50 4.19 27.79
CA SER D 182 47.78 3.89 27.16
C SER D 182 48.62 3.08 28.14
N LYS D 183 49.40 2.14 27.62
CA LYS D 183 50.28 1.36 28.50
C LYS D 183 51.14 2.27 29.37
N ALA D 184 51.47 3.46 28.88
CA ALA D 184 52.21 4.43 29.68
C ALA D 184 51.36 4.90 30.87
N ASP D 185 50.14 5.39 30.64
CA ASP D 185 49.28 5.78 31.75
C ASP D 185 49.04 4.60 32.69
N TYR D 186 48.88 3.41 32.15
CA TYR D 186 48.53 2.25 32.98
C TYR D 186 49.64 1.96 33.99
N GLU D 187 50.88 1.88 33.52
CA GLU D 187 51.97 1.49 34.41
C GLU D 187 52.37 2.62 35.36
N LYS D 188 51.88 3.83 35.14
CA LYS D 188 52.13 4.96 36.02
C LYS D 188 51.22 4.96 37.26
N HIS D 189 50.38 3.93 37.46
CA HIS D 189 49.37 3.91 38.52
C HIS D 189 49.19 2.52 39.10
N LYS D 190 48.61 2.45 40.31
CA LYS D 190 48.53 1.21 41.07
C LYS D 190 47.12 0.64 41.22
N VAL D 191 46.18 1.41 41.78
CA VAL D 191 44.87 0.90 42.17
C VAL D 191 43.85 1.20 41.09
N TYR D 192 43.24 0.15 40.54
CA TYR D 192 42.18 0.30 39.53
C TYR D 192 40.88 -0.25 40.10
N ALA D 193 39.83 0.58 40.12
CA ALA D 193 38.57 0.15 40.71
C ALA D 193 37.39 0.56 39.83
N CYS D 194 36.38 -0.29 39.74
CA CYS D 194 35.08 0.16 39.26
C CYS D 194 34.09 0.10 40.41
N GLU D 195 33.28 1.14 40.49
CA GLU D 195 32.28 1.31 41.52
C GLU D 195 30.93 1.22 40.85
N VAL D 196 30.06 0.37 41.39
CA VAL D 196 28.77 0.08 40.75
C VAL D 196 27.66 0.53 41.66
N THR D 197 26.74 1.32 41.10
CA THR D 197 25.52 1.75 41.79
C THR D 197 24.33 1.13 41.09
N HIS D 198 23.46 0.46 41.85
CA HIS D 198 22.30 -0.22 41.31
C HIS D 198 21.26 -0.38 42.41
N GLN D 199 20.00 -0.49 41.97
CA GLN D 199 18.87 -0.49 42.89
C GLN D 199 18.93 -1.61 43.91
N GLY D 200 19.43 -2.79 43.50
CA GLY D 200 19.46 -3.96 44.34
C GLY D 200 20.58 -4.01 45.33
N LEU D 201 21.43 -2.98 45.38
CA LEU D 201 22.53 -2.89 46.33
C LEU D 201 22.17 -1.82 47.35
N SER D 202 22.35 -2.16 48.64
CA SER D 202 22.07 -1.19 49.69
C SER D 202 22.96 0.04 49.56
N SER D 203 24.20 -0.15 49.11
CA SER D 203 25.16 0.91 48.89
C SER D 203 26.12 0.46 47.80
N PRO D 204 26.83 1.39 47.15
CA PRO D 204 27.64 1.01 45.99
C PRO D 204 28.67 -0.05 46.32
N VAL D 205 29.00 -0.87 45.32
CA VAL D 205 29.95 -1.96 45.43
C VAL D 205 31.18 -1.58 44.63
N THR D 206 32.36 -1.72 45.23
CA THR D 206 33.59 -1.48 44.52
C THR D 206 34.32 -2.80 44.36
N LYS D 207 34.80 -3.06 43.15
CA LYS D 207 35.73 -4.14 42.89
C LYS D 207 37.01 -3.51 42.37
N SER D 208 38.14 -4.00 42.84
CA SER D 208 39.38 -3.32 42.50
C SER D 208 40.53 -4.31 42.51
N PHE D 209 41.66 -3.87 41.99
CA PHE D 209 42.87 -4.66 41.98
C PHE D 209 44.08 -3.72 42.00
N ASN D 210 45.23 -4.28 42.34
CA ASN D 210 46.47 -3.54 42.34
C ASN D 210 47.33 -4.02 41.19
N ARG D 211 47.78 -3.08 40.35
CA ARG D 211 48.63 -3.44 39.22
C ARG D 211 49.82 -4.21 39.76
N GLY D 212 49.91 -5.50 39.38
CA GLY D 212 50.78 -6.45 40.07
C GLY D 212 49.99 -7.36 41.00
N GLU D 213 49.40 -8.42 40.45
CA GLU D 213 48.86 -9.49 41.28
C GLU D 213 50.03 -10.42 41.63
#